data_9E01
#
_entry.id   9E01
#
_cell.length_a   1.00
_cell.length_b   1.00
_cell.length_c   1.00
_cell.angle_alpha   90.00
_cell.angle_beta   90.00
_cell.angle_gamma   90.00
#
_symmetry.space_group_name_H-M   'P 1'
#
loop_
_entity.id
_entity.type
_entity.pdbx_description
1 polymer 'Sec-independent protein translocase protein TatB'
2 polymer 'Sec-independent protein translocase protein TatC'
3 polymer 'Glucans biosynthesis protein D'
4 water water
#
loop_
_entity_poly.entity_id
_entity_poly.type
_entity_poly.pdbx_seq_one_letter_code
_entity_poly.pdbx_strand_id
1 'polypeptide(L)'
;MFDIGFSELLLVFIIGLVVLGPQRLPVAVKTVAGWIRALRSLATTVQNELTQELKLQEFQDSLKKVEKASLTNLTPELKA
SMDELRQAAESMKRSYVANDPEKASDEAHTIHNPVVKDNEAAHEGVTPAAAQTQASSPEQKPETTPEPVVKPAADAEPKT
AAPSPSSSDKP
;
B,D,F
2 'polypeptide(L)'
;MSVEDTQPLITHLIELRKRLLNCIIAVIVIFLCLVYFANDIYHLVSAPLIKQLPQGSTMIATDVASPFFTPIKLTFMVSL
ILSAPVILYQVWAFIAPALYKHERRLVVPLLVSSSLLFYIGMAFAYFVVFPLAFGFLANTAPEGVQVSTDIASYLSFVMA
LFMAFGVSFEVPVAIVLLCWMGITSPEDLRKKRPYVLVGAFVVGMLLTPPDVFSQTLLAIPMYCLFEIGVFFSRFYVGKG
RNREEENDAEAESEKTEERSHHHHHH
;
A,C,E
3 'polypeptide(L)'
;SMDRRRFIKGSMAMAAVCGTSGIASLFSQAAFAADSDIADGQTQRFDFSILQSMAHDLAQTAWRGAPRPLPDTLATMTPQ
AYNSIQYDAEKSLWHNVENRQLDAQFFHMGMGFRRRVRMFSVDPATHLAREIHFRPELFKYNDAGVDTKQLEGQSDLGFA
GFRVFKAPELARRDVVSFLGASYFRAVDDTYQYGLSARGLAIDTYTDSKEEFPDFTAFWFDTVKPGATTFTVYALLDSAS
ITGAYKFTIHCEKSQVIMDVENHLYARKDIKQLGIAPMTSMFSCGTNERRMCDTIHPQIHDSDRLSMWRGNGEWICRPLN
NPQKLQFNAYTDNNPKGFGLLQLDRDFSHYQDIMGWYNKRPSLWVEPRNKWGKGTIGLMEIPTTGETLDNIVCFWQPEKA
VKAGDEFAFQYRLYWSAQPPVHCPLARVMATRTGMGGFSEGWAPGEHYPEKWARRFAVDFVGGDLKAAAPKGIEPVITLS
SGEAKQIEILYIEPIDGYRIQFDWYPTSDSTDPVDMRMYLRCQGDAISETWLYQYFPPAPDKRQYVDDRVMS
;
G,H,I
#
# COMPACT_ATOMS: atom_id res chain seq x y z
N MET A 1 3.57 -7.50 5.65
CA MET A 1 3.00 -8.05 4.43
C MET A 1 3.78 -7.60 3.20
N PHE A 2 4.09 -8.55 2.32
CA PHE A 2 4.72 -8.22 1.05
C PHE A 2 3.72 -7.48 0.17
N ASP A 3 4.22 -6.45 -0.52
CA ASP A 3 3.39 -5.62 -1.38
C ASP A 3 3.34 -6.24 -2.77
N ILE A 4 2.17 -6.74 -3.17
CA ILE A 4 1.98 -7.39 -4.45
C ILE A 4 0.96 -6.58 -5.25
N GLY A 5 1.35 -6.18 -6.45
CA GLY A 5 0.48 -5.45 -7.35
C GLY A 5 -0.18 -6.36 -8.36
N PHE A 6 -1.34 -5.93 -8.87
CA PHE A 6 -2.05 -6.71 -9.87
C PHE A 6 -1.23 -6.82 -11.15
N SER A 7 -0.59 -5.73 -11.56
CA SER A 7 0.26 -5.77 -12.75
C SER A 7 1.46 -6.69 -12.54
N GLU A 8 2.07 -6.65 -11.35
CA GLU A 8 3.20 -7.52 -11.07
C GLU A 8 2.79 -8.98 -11.10
N LEU A 9 1.65 -9.32 -10.50
CA LEU A 9 1.19 -10.70 -10.48
C LEU A 9 0.84 -11.18 -11.88
N LEU A 10 0.18 -10.34 -12.67
CA LEU A 10 -0.17 -10.73 -14.04
C LEU A 10 1.08 -10.96 -14.88
N LEU A 11 2.12 -10.16 -14.67
CA LEU A 11 3.37 -10.34 -15.40
C LEU A 11 4.00 -11.69 -15.07
N VAL A 12 3.93 -12.10 -13.81
CA VAL A 12 4.50 -13.39 -13.40
C VAL A 12 3.78 -14.53 -14.10
N PHE A 13 2.44 -14.49 -14.13
CA PHE A 13 1.69 -15.54 -14.78
C PHE A 13 1.85 -15.50 -16.29
N ILE A 14 1.91 -14.30 -16.87
CA ILE A 14 2.11 -14.17 -18.31
C ILE A 14 3.48 -14.71 -18.71
N ILE A 15 4.52 -14.34 -17.94
CA ILE A 15 5.86 -14.83 -18.22
C ILE A 15 5.93 -16.33 -17.96
N GLY A 16 5.31 -16.80 -16.88
CA GLY A 16 5.34 -18.22 -16.57
C GLY A 16 4.68 -19.07 -17.64
N LEU A 17 3.57 -18.58 -18.19
CA LEU A 17 2.88 -19.34 -19.23
C LEU A 17 3.73 -19.45 -20.49
N VAL A 18 4.38 -18.36 -20.88
CA VAL A 18 5.15 -18.37 -22.13
C VAL A 18 6.53 -18.99 -21.96
N VAL A 19 7.03 -19.12 -20.73
CA VAL A 19 8.35 -19.69 -20.50
C VAL A 19 8.22 -21.14 -20.05
N LEU A 20 7.51 -21.36 -18.95
CA LEU A 20 7.37 -22.72 -18.42
C LEU A 20 6.47 -23.55 -19.32
N GLY A 21 5.37 -22.98 -19.80
CA GLY A 21 4.50 -23.66 -20.72
C GLY A 21 3.19 -24.11 -20.10
N PRO A 22 2.30 -24.67 -20.93
CA PRO A 22 1.01 -25.13 -20.39
C PRO A 22 1.12 -26.34 -19.50
N GLN A 23 2.23 -27.08 -19.55
CA GLN A 23 2.37 -28.32 -18.79
C GLN A 23 3.22 -28.17 -17.54
N ARG A 24 4.11 -27.17 -17.49
CA ARG A 24 4.99 -26.99 -16.35
C ARG A 24 4.51 -25.89 -15.40
N LEU A 25 3.78 -24.90 -15.90
CA LEU A 25 3.24 -23.86 -15.03
C LEU A 25 2.27 -24.40 -13.99
N PRO A 26 1.28 -25.24 -14.33
CA PRO A 26 0.38 -25.75 -13.28
C PRO A 26 1.11 -26.53 -12.20
N VAL A 27 2.14 -27.30 -12.56
CA VAL A 27 2.92 -28.01 -11.56
C VAL A 27 3.70 -27.04 -10.70
N ALA A 28 4.23 -25.98 -11.30
CA ALA A 28 4.98 -24.98 -10.54
C ALA A 28 4.09 -24.28 -9.51
N VAL A 29 2.86 -23.93 -9.90
CA VAL A 29 1.94 -23.30 -8.96
C VAL A 29 1.54 -24.27 -7.85
N LYS A 30 1.36 -25.54 -8.20
CA LYS A 30 1.04 -26.54 -7.19
C LYS A 30 2.19 -26.71 -6.20
N THR A 31 3.43 -26.70 -6.70
CA THR A 31 4.59 -26.83 -5.82
C THR A 31 4.71 -25.63 -4.88
N VAL A 32 4.51 -24.41 -5.41
CA VAL A 32 4.59 -23.22 -4.58
C VAL A 32 3.48 -23.22 -3.53
N ALA A 33 2.29 -23.70 -3.90
CA ALA A 33 1.19 -23.79 -2.95
C ALA A 33 1.54 -24.75 -1.81
N GLY A 34 2.21 -25.86 -2.13
CA GLY A 34 2.64 -26.77 -1.10
C GLY A 34 3.65 -26.15 -0.15
N TRP A 35 4.51 -25.27 -0.67
CA TRP A 35 5.46 -24.58 0.19
C TRP A 35 4.76 -23.67 1.18
N ILE A 36 3.75 -22.94 0.72
CA ILE A 36 2.98 -22.07 1.62
C ILE A 36 2.17 -22.91 2.60
N ARG A 37 1.64 -24.04 2.14
CA ARG A 37 0.90 -24.94 3.04
C ARG A 37 1.82 -25.48 4.12
N ALA A 38 3.05 -25.88 3.75
CA ALA A 38 3.99 -26.35 4.74
C ALA A 38 4.49 -25.20 5.63
N LEU A 39 4.61 -24.01 5.07
CA LEU A 39 5.04 -22.85 5.86
C LEU A 39 4.00 -22.51 6.93
N ARG A 40 2.72 -22.52 6.57
CA ARG A 40 1.67 -22.24 7.54
C ARG A 40 1.49 -23.38 8.52
N SER A 41 1.70 -24.62 8.08
CA SER A 41 1.64 -25.76 9.00
C SER A 41 2.75 -25.68 10.03
N LEU A 42 3.96 -25.30 9.60
CA LEU A 42 5.08 -25.17 10.53
C LEU A 42 4.86 -23.99 11.49
N ALA A 43 4.26 -22.91 11.00
CA ALA A 43 3.97 -21.76 11.86
C ALA A 43 2.96 -22.12 12.94
N THR A 44 1.94 -22.91 12.58
CA THR A 44 0.90 -23.26 13.55
C THR A 44 1.41 -24.17 14.65
N THR A 45 2.19 -25.19 14.29
CA THR A 45 2.68 -26.12 15.30
C THR A 45 3.68 -25.45 16.24
N VAL A 46 4.45 -24.48 15.74
CA VAL A 46 5.39 -23.78 16.60
C VAL A 46 4.65 -22.88 17.59
N GLN A 47 3.61 -22.20 17.12
CA GLN A 47 2.80 -21.38 18.02
C GLN A 47 2.13 -22.24 19.08
N ASN A 48 1.69 -23.45 18.71
CA ASN A 48 1.15 -24.38 19.69
C ASN A 48 2.22 -24.77 20.72
N GLU A 49 3.44 -25.01 20.26
CA GLU A 49 4.52 -25.33 21.18
C GLU A 49 4.87 -24.15 22.07
N LEU A 50 4.86 -22.94 21.51
CA LEU A 50 5.15 -21.75 22.31
C LEU A 50 4.06 -21.52 23.36
N THR A 51 2.80 -21.72 22.99
CA THR A 51 1.71 -21.58 23.95
C THR A 51 1.83 -22.59 25.08
N GLN A 52 2.18 -23.83 24.75
CA GLN A 52 2.34 -24.85 25.79
C GLN A 52 3.51 -24.55 26.71
N GLU A 53 4.59 -23.97 26.17
CA GLU A 53 5.73 -23.62 27.00
C GLU A 53 5.43 -22.43 27.89
N LEU A 54 4.64 -21.47 27.39
CA LEU A 54 4.27 -20.33 28.22
C LEU A 54 3.44 -20.76 29.42
N LYS A 55 2.56 -21.74 29.23
CA LYS A 55 1.79 -22.27 30.35
C LYS A 55 2.70 -22.91 31.39
N LEU A 56 3.73 -23.65 30.95
CA LEU A 56 4.67 -24.25 31.88
C LEU A 56 5.46 -23.18 32.64
N GLN A 57 5.82 -22.09 31.96
CA GLN A 57 6.54 -21.01 32.63
C GLN A 57 5.68 -20.37 33.72
N GLU A 58 4.38 -20.19 33.45
CA GLU A 58 3.50 -19.61 34.45
C GLU A 58 3.41 -20.51 35.68
N PHE A 59 3.34 -21.83 35.49
CA PHE A 59 3.29 -22.74 36.62
C PHE A 59 4.57 -22.65 37.46
N GLN A 60 5.73 -22.58 36.80
CA GLN A 60 6.99 -22.45 37.52
C GLN A 60 7.09 -21.08 38.19
N ASP A 61 6.70 -20.02 37.49
CA ASP A 61 6.82 -18.68 38.05
C ASP A 61 5.87 -18.46 39.21
N SER A 62 4.64 -18.99 39.11
CA SER A 62 3.67 -18.80 40.19
C SER A 62 4.14 -19.46 41.48
N LEU A 63 4.68 -20.67 41.39
CA LEU A 63 5.17 -21.36 42.58
C LEU A 63 6.35 -20.62 43.21
N LYS A 64 7.27 -20.13 42.38
CA LYS A 64 8.44 -19.43 42.88
C LYS A 64 8.16 -17.93 43.03
N ASP B 5 19.99 -30.48 22.09
CA ASP B 5 19.86 -29.98 23.46
C ASP B 5 18.68 -29.02 23.58
N THR B 6 17.56 -29.53 24.06
CA THR B 6 16.37 -28.71 24.22
C THR B 6 16.55 -27.70 25.35
N GLN B 7 16.06 -26.50 25.14
CA GLN B 7 16.17 -25.41 26.12
CA GLN B 7 16.17 -25.41 26.12
C GLN B 7 14.83 -24.69 26.21
N PRO B 8 14.54 -24.05 27.34
CA PRO B 8 13.30 -23.28 27.45
C PRO B 8 13.32 -22.08 26.50
N LEU B 9 12.12 -21.56 26.25
CA LEU B 9 11.96 -20.47 25.29
C LEU B 9 12.69 -19.22 25.76
N ILE B 10 12.65 -18.93 27.06
CA ILE B 10 13.30 -17.73 27.57
C ILE B 10 14.81 -17.78 27.35
N THR B 11 15.39 -18.98 27.37
CA THR B 11 16.82 -19.11 27.12
C THR B 11 17.18 -18.65 25.72
N HIS B 12 16.34 -18.99 24.73
CA HIS B 12 16.57 -18.50 23.38
C HIS B 12 16.27 -17.01 23.27
N LEU B 13 15.28 -16.52 24.01
CA LEU B 13 14.96 -15.09 24.00
C LEU B 13 15.98 -14.28 24.77
N ILE B 14 16.57 -14.86 25.82
CA ILE B 14 17.68 -14.18 26.52
C ILE B 14 18.86 -14.02 25.57
N GLU B 15 19.20 -15.09 24.84
CA GLU B 15 20.32 -15.01 23.91
C GLU B 15 20.01 -14.07 22.75
N LEU B 16 18.81 -14.12 22.20
CA LEU B 16 18.44 -13.24 21.10
C LEU B 16 18.45 -11.77 21.53
N ARG B 17 17.96 -11.48 22.74
CA ARG B 17 17.97 -10.10 23.24
C ARG B 17 19.40 -9.61 23.42
N LYS B 18 20.29 -10.46 23.93
CA LYS B 18 21.69 -10.07 24.11
C LYS B 18 22.34 -9.77 22.77
N ARG B 19 22.09 -10.59 21.76
CA ARG B 19 22.69 -10.37 20.45
C ARG B 19 22.03 -9.20 19.72
N LEU B 20 20.74 -8.97 19.96
CA LEU B 20 20.08 -7.81 19.38
C LEU B 20 20.65 -6.52 19.96
N LEU B 21 20.95 -6.51 21.26
CA LEU B 21 21.53 -5.32 21.88
C LEU B 21 22.89 -5.00 21.28
N ASN B 22 23.73 -6.02 21.07
CA ASN B 22 25.05 -5.78 20.48
C ASN B 22 24.94 -5.23 19.07
N CYS B 23 23.89 -5.59 18.34
CA CYS B 23 23.68 -5.01 17.02
C CYS B 23 23.17 -3.57 17.13
N ILE B 24 22.26 -3.30 18.07
CA ILE B 24 21.74 -1.95 18.24
C ILE B 24 22.85 -1.02 18.73
N ILE B 25 23.67 -1.48 19.66
CA ILE B 25 24.76 -0.66 20.18
C ILE B 25 25.75 -0.32 19.08
N ALA B 26 26.09 -1.31 18.24
CA ALA B 26 27.05 -1.06 17.16
C ALA B 26 26.51 -0.04 16.17
N VAL B 27 25.23 -0.14 15.81
CA VAL B 27 24.65 0.80 14.85
C VAL B 27 24.60 2.20 15.44
N ILE B 28 24.16 2.33 16.69
CA ILE B 28 23.98 3.65 17.29
C ILE B 28 25.31 4.36 17.46
N VAL B 29 26.33 3.64 17.95
CA VAL B 29 27.64 4.25 18.18
C VAL B 29 28.21 4.76 16.87
N ILE B 30 28.11 3.96 15.80
CA ILE B 30 28.55 4.41 14.48
C ILE B 30 27.72 5.60 14.02
N PHE B 31 26.40 5.55 14.25
CA PHE B 31 25.52 6.64 13.85
C PHE B 31 25.87 7.94 14.57
N LEU B 32 26.14 7.85 15.87
CA LEU B 32 26.49 9.06 16.62
C LEU B 32 27.81 9.65 16.14
N CYS B 33 28.78 8.80 15.82
CA CYS B 33 30.05 9.27 15.28
C CYS B 33 29.93 9.77 13.84
N LEU B 34 28.80 9.53 13.17
CA LEU B 34 28.63 9.88 11.77
C LEU B 34 27.54 10.92 11.51
N VAL B 35 26.60 11.11 12.44
CA VAL B 35 25.48 12.00 12.18
C VAL B 35 25.91 13.45 12.05
N TYR B 36 27.05 13.82 12.64
CA TYR B 36 27.54 15.18 12.49
C TYR B 36 27.96 15.47 11.05
N PHE B 37 28.46 14.47 10.33
CA PHE B 37 28.87 14.61 8.95
C PHE B 37 27.80 14.14 7.97
N ALA B 38 26.52 14.24 8.35
CA ALA B 38 25.45 13.76 7.50
C ALA B 38 25.40 14.52 6.18
N ASN B 39 25.57 15.84 6.23
CA ASN B 39 25.60 16.63 5.00
C ASN B 39 26.84 16.30 4.16
N ASP B 40 27.99 16.11 4.82
CA ASP B 40 29.21 15.77 4.11
C ASP B 40 29.14 14.36 3.52
N ILE B 41 28.48 13.44 4.21
CA ILE B 41 28.30 12.09 3.68
C ILE B 41 27.40 12.14 2.45
N TYR B 42 26.36 12.98 2.48
CA TYR B 42 25.47 13.08 1.32
C TYR B 42 26.18 13.68 0.12
N HIS B 43 27.13 14.60 0.35
CA HIS B 43 27.88 15.18 -0.76
CA HIS B 43 27.88 15.18 -0.75
C HIS B 43 28.65 14.10 -1.52
N LEU B 44 29.24 13.15 -0.79
CA LEU B 44 29.94 12.06 -1.46
C LEU B 44 28.99 11.18 -2.26
N VAL B 45 27.81 10.91 -1.71
CA VAL B 45 26.84 10.04 -2.39
C VAL B 45 26.28 10.74 -3.62
N SER B 46 26.01 12.04 -3.53
CA SER B 46 25.46 12.80 -4.64
C SER B 46 26.53 13.33 -5.58
N ALA B 47 27.80 13.13 -5.27
CA ALA B 47 28.86 13.60 -6.15
C ALA B 47 28.79 13.03 -7.57
N PRO B 48 28.54 11.73 -7.79
CA PRO B 48 28.39 11.25 -9.17
C PRO B 48 27.27 11.93 -9.93
N LEU B 49 26.16 12.27 -9.25
CA LEU B 49 25.05 12.92 -9.94
C LEU B 49 25.36 14.37 -10.26
N ILE B 50 25.97 15.09 -9.32
CA ILE B 50 26.25 16.52 -9.54
C ILE B 50 27.21 16.70 -10.69
N LYS B 51 28.23 15.85 -10.79
CA LYS B 51 29.20 15.95 -11.87
C LYS B 51 28.57 15.73 -13.24
N GLN B 52 27.47 15.00 -13.31
CA GLN B 52 26.81 14.69 -14.57
C GLN B 52 25.55 15.51 -14.81
N LEU B 53 25.19 16.42 -13.91
CA LEU B 53 24.00 17.21 -14.10
C LEU B 53 24.21 18.23 -15.22
N PRO B 54 23.15 18.55 -15.97
CA PRO B 54 23.28 19.56 -17.03
C PRO B 54 23.49 20.95 -16.46
N GLN B 55 23.96 21.84 -17.33
CA GLN B 55 24.17 23.23 -16.94
C GLN B 55 22.86 23.86 -16.49
N GLY B 56 22.88 24.54 -15.35
CA GLY B 56 21.69 25.13 -14.78
C GLY B 56 20.84 24.19 -13.97
N SER B 57 21.23 22.93 -13.82
CA SER B 57 20.47 21.95 -13.08
C SER B 57 21.11 21.71 -11.72
N THR B 58 20.27 21.58 -10.70
CA THR B 58 20.75 21.31 -9.35
C THR B 58 19.73 20.44 -8.63
N MET B 59 20.18 19.78 -7.57
CA MET B 59 19.29 18.98 -6.75
C MET B 59 18.35 19.86 -5.95
N ILE B 60 17.15 19.35 -5.70
CA ILE B 60 16.11 20.07 -4.96
C ILE B 60 15.60 19.19 -3.84
N ALA B 61 14.88 19.83 -2.91
CA ALA B 61 14.23 19.14 -1.80
C ALA B 61 12.77 19.56 -1.79
N THR B 62 11.88 18.64 -2.19
CA THR B 62 10.46 18.94 -2.29
C THR B 62 9.69 18.68 -1.01
N ASP B 63 10.33 18.12 0.02
CA ASP B 63 9.70 17.86 1.29
C ASP B 63 10.26 18.81 2.35
N VAL B 64 9.41 19.20 3.30
CA VAL B 64 9.80 20.15 4.32
C VAL B 64 10.91 19.57 5.20
N ALA B 65 10.75 18.31 5.61
CA ALA B 65 11.72 17.65 6.48
C ALA B 65 12.82 16.94 5.72
N SER B 66 12.75 16.93 4.39
CA SER B 66 13.79 16.28 3.59
C SER B 66 15.18 16.86 3.79
N PRO B 67 15.39 18.19 3.85
CA PRO B 67 16.78 18.69 4.00
C PRO B 67 17.49 18.20 5.25
N PHE B 68 16.77 17.81 6.30
CA PHE B 68 17.40 17.30 7.51
C PHE B 68 17.34 15.79 7.62
N PHE B 69 16.20 15.18 7.30
CA PHE B 69 16.00 13.76 7.55
C PHE B 69 16.44 12.86 6.40
N THR B 70 16.77 13.41 5.25
CA THR B 70 17.32 12.59 4.18
C THR B 70 18.81 12.31 4.44
N PRO B 71 19.62 13.32 4.78
CA PRO B 71 20.98 12.99 5.24
C PRO B 71 21.01 12.13 6.49
N ILE B 72 20.05 12.33 7.41
CA ILE B 72 20.00 11.50 8.61
C ILE B 72 19.65 10.06 8.26
N LYS B 73 18.72 9.87 7.32
CA LYS B 73 18.39 8.52 6.88
C LYS B 73 19.57 7.86 6.19
N LEU B 74 20.32 8.63 5.41
CA LEU B 74 21.47 8.08 4.69
C LEU B 74 22.58 7.67 5.65
N THR B 75 22.92 8.53 6.61
CA THR B 75 23.97 8.19 7.56
C THR B 75 23.56 7.07 8.51
N PHE B 76 22.26 6.83 8.67
CA PHE B 76 21.80 5.67 9.43
C PHE B 76 21.98 4.38 8.64
N MET B 77 21.72 4.42 7.33
CA MET B 77 21.95 3.24 6.49
C MET B 77 23.43 2.94 6.36
N VAL B 78 24.26 3.98 6.31
CA VAL B 78 25.72 3.78 6.29
C VAL B 78 26.16 3.10 7.58
N SER B 79 25.54 3.47 8.70
CA SER B 79 25.84 2.81 9.97
C SER B 79 25.47 1.33 9.93
N LEU B 80 24.33 1.00 9.33
CA LEU B 80 23.94 -0.39 9.19
C LEU B 80 24.93 -1.16 8.31
N ILE B 81 25.36 -0.55 7.21
CA ILE B 81 26.31 -1.22 6.32
C ILE B 81 27.67 -1.39 6.99
N LEU B 82 28.13 -0.35 7.70
CA LEU B 82 29.41 -0.45 8.39
C LEU B 82 29.35 -1.42 9.58
N SER B 83 28.17 -1.64 10.15
CA SER B 83 28.00 -2.56 11.26
C SER B 83 27.62 -3.96 10.80
N ALA B 84 27.57 -4.21 9.49
CA ALA B 84 27.26 -5.55 9.00
C ALA B 84 28.19 -6.62 9.53
N PRO B 85 29.52 -6.44 9.61
CA PRO B 85 30.35 -7.48 10.23
C PRO B 85 29.95 -7.80 11.66
N VAL B 86 29.57 -6.80 12.45
CA VAL B 86 29.10 -7.06 13.81
C VAL B 86 27.75 -7.75 13.79
N ILE B 87 26.83 -7.26 12.95
CA ILE B 87 25.50 -7.86 12.87
C ILE B 87 25.57 -9.30 12.39
N LEU B 88 26.39 -9.55 11.36
CA LEU B 88 26.49 -10.91 10.81
C LEU B 88 27.11 -11.86 11.82
N TYR B 89 28.09 -11.39 12.61
CA TYR B 89 28.68 -12.24 13.63
C TYR B 89 27.66 -12.62 14.70
N GLN B 90 26.85 -11.65 15.13
CA GLN B 90 25.82 -11.95 16.12
C GLN B 90 24.79 -12.91 15.56
N VAL B 91 24.42 -12.75 14.29
CA VAL B 91 23.53 -13.71 13.63
C VAL B 91 24.21 -15.08 13.58
N TRP B 92 25.49 -15.11 13.24
CA TRP B 92 26.21 -16.38 13.21
C TRP B 92 26.26 -17.03 14.59
N ALA B 93 26.56 -16.25 15.63
CA ALA B 93 26.67 -16.80 16.97
C ALA B 93 25.34 -17.26 17.55
N PHE B 94 24.22 -16.78 17.02
CA PHE B 94 22.91 -17.23 17.47
C PHE B 94 22.41 -18.45 16.71
N ILE B 95 22.89 -18.68 15.49
CA ILE B 95 22.47 -19.82 14.69
C ILE B 95 23.53 -20.90 14.64
N ALA B 96 24.68 -20.70 15.26
CA ALA B 96 25.74 -21.71 15.23
C ALA B 96 25.30 -23.04 15.86
N PRO B 97 24.67 -23.09 17.04
CA PRO B 97 24.20 -24.38 17.56
C PRO B 97 23.16 -25.06 16.68
N ALA B 98 22.38 -24.28 15.93
CA ALA B 98 21.38 -24.90 15.06
C ALA B 98 22.01 -25.66 13.91
N LEU B 99 23.10 -25.12 13.34
CA LEU B 99 23.71 -25.73 12.16
C LEU B 99 24.45 -27.01 12.52
N TYR B 100 24.35 -28.00 11.64
CA TYR B 100 25.12 -29.22 11.77
C TYR B 100 26.53 -29.01 11.24
N LYS B 101 27.36 -30.05 11.32
CA LYS B 101 28.73 -29.96 10.83
C LYS B 101 28.76 -29.75 9.32
N HIS B 102 27.90 -30.45 8.58
CA HIS B 102 27.89 -30.31 7.13
C HIS B 102 27.30 -28.98 6.69
N GLU B 103 26.29 -28.47 7.40
CA GLU B 103 25.75 -27.15 7.10
C GLU B 103 26.67 -26.03 7.55
N ARG B 104 27.56 -26.31 8.51
CA ARG B 104 28.54 -25.29 8.93
C ARG B 104 29.57 -25.05 7.84
N ARG B 105 29.90 -26.08 7.05
CA ARG B 105 30.87 -25.95 5.98
C ARG B 105 30.35 -25.12 4.81
N LEU B 106 29.06 -24.81 4.78
CA LEU B 106 28.47 -23.99 3.73
C LEU B 106 28.13 -22.58 4.19
N VAL B 107 27.61 -22.43 5.41
CA VAL B 107 27.19 -21.11 5.88
C VAL B 107 28.40 -20.21 6.14
N VAL B 108 29.47 -20.77 6.74
CA VAL B 108 30.65 -19.96 7.02
C VAL B 108 31.28 -19.39 5.75
N PRO B 109 31.54 -20.17 4.69
CA PRO B 109 32.03 -19.56 3.45
C PRO B 109 31.07 -18.55 2.86
N LEU B 110 29.77 -18.78 2.97
CA LEU B 110 28.79 -17.84 2.42
C LEU B 110 28.83 -16.51 3.18
N LEU B 111 28.87 -16.56 4.51
CA LEU B 111 28.83 -15.33 5.29
C LEU B 111 30.08 -14.48 5.08
N VAL B 112 31.24 -15.11 5.08
CA VAL B 112 32.49 -14.36 4.91
C VAL B 112 32.57 -13.76 3.50
N SER B 113 32.20 -14.54 2.48
CA SER B 113 32.26 -14.05 1.11
C SER B 113 31.18 -13.01 0.84
N SER B 114 30.01 -13.15 1.46
CA SER B 114 28.94 -12.18 1.25
C SER B 114 29.33 -10.79 1.71
N SER B 115 30.05 -10.70 2.83
CA SER B 115 30.46 -9.41 3.36
C SER B 115 31.37 -8.68 2.37
N LEU B 116 32.40 -9.37 1.86
CA LEU B 116 33.31 -8.75 0.91
C LEU B 116 32.62 -8.43 -0.40
N LEU B 117 31.78 -9.34 -0.89
CA LEU B 117 31.11 -9.13 -2.17
C LEU B 117 30.09 -8.01 -2.09
N PHE B 118 29.41 -7.86 -0.95
CA PHE B 118 28.48 -6.77 -0.79
C PHE B 118 29.19 -5.42 -0.86
N TYR B 119 30.35 -5.31 -0.21
CA TYR B 119 31.12 -4.08 -0.26
C TYR B 119 31.69 -3.84 -1.66
N ILE B 120 32.13 -4.90 -2.34
CA ILE B 120 32.64 -4.75 -3.69
C ILE B 120 31.50 -4.36 -4.64
N GLY B 121 30.30 -4.89 -4.40
CA GLY B 121 29.17 -4.53 -5.25
C GLY B 121 28.81 -3.06 -5.17
N MET B 122 28.83 -2.49 -3.96
CA MET B 122 28.53 -1.06 -3.84
C MET B 122 29.69 -0.21 -4.34
N ALA B 123 30.93 -0.64 -4.10
CA ALA B 123 32.07 0.07 -4.66
C ALA B 123 32.05 0.03 -6.18
N PHE B 124 31.65 -1.11 -6.76
CA PHE B 124 31.48 -1.19 -8.21
C PHE B 124 30.36 -0.26 -8.69
N ALA B 125 29.25 -0.23 -7.95
CA ALA B 125 28.14 0.64 -8.35
C ALA B 125 28.52 2.11 -8.26
N TYR B 126 29.24 2.49 -7.20
CA TYR B 126 29.58 3.90 -7.00
C TYR B 126 30.63 4.38 -7.99
N PHE B 127 31.66 3.57 -8.22
CA PHE B 127 32.81 3.99 -9.02
C PHE B 127 32.68 3.69 -10.50
N VAL B 128 31.74 2.83 -10.90
CA VAL B 128 31.61 2.45 -12.30
C VAL B 128 30.19 2.70 -12.80
N VAL B 129 29.21 2.12 -12.11
CA VAL B 129 27.83 2.20 -12.60
C VAL B 129 27.28 3.60 -12.47
N PHE B 130 27.52 4.26 -11.33
CA PHE B 130 26.94 5.58 -11.10
C PHE B 130 27.42 6.62 -12.10
N PRO B 131 28.74 6.77 -12.36
CA PRO B 131 29.14 7.76 -13.38
C PRO B 131 28.57 7.48 -14.76
N LEU B 132 28.46 6.22 -15.15
CA LEU B 132 27.94 5.89 -16.48
C LEU B 132 26.44 6.09 -16.56
N ALA B 133 25.69 5.66 -15.54
CA ALA B 133 24.25 5.77 -15.57
C ALA B 133 23.80 7.23 -15.42
N PHE B 134 24.42 7.97 -14.51
CA PHE B 134 24.02 9.35 -14.28
C PHE B 134 24.36 10.24 -15.46
N GLY B 135 25.45 9.94 -16.19
CA GLY B 135 25.77 10.70 -17.38
C GLY B 135 24.79 10.52 -18.50
N PHE B 136 24.03 9.42 -18.49
CA PHE B 136 23.03 9.15 -19.51
C PHE B 136 21.64 9.60 -19.07
N LEU B 137 21.24 9.26 -17.85
CA LEU B 137 19.90 9.59 -17.37
C LEU B 137 19.70 11.10 -17.26
N ALA B 138 20.71 11.82 -16.76
CA ALA B 138 20.55 13.25 -16.54
C ALA B 138 20.56 14.04 -17.83
N ASN B 139 21.00 13.45 -18.95
CA ASN B 139 21.11 14.16 -20.21
C ASN B 139 20.21 13.59 -21.30
N THR B 140 19.22 12.79 -20.91
CA THR B 140 18.27 12.21 -21.86
C THR B 140 16.86 12.76 -21.67
N ALA B 141 16.72 13.86 -20.93
CA ALA B 141 15.41 14.41 -20.66
C ALA B 141 14.80 15.00 -21.94
N PRO B 142 13.47 14.98 -22.06
CA PRO B 142 12.82 15.63 -23.21
C PRO B 142 13.10 17.12 -23.22
N GLU B 143 13.08 17.69 -24.42
CA GLU B 143 13.34 19.11 -24.58
C GLU B 143 12.36 19.94 -23.74
N GLY B 144 12.88 20.93 -23.04
CA GLY B 144 12.10 21.77 -22.17
C GLY B 144 11.93 21.26 -20.76
N VAL B 145 12.44 20.07 -20.44
CA VAL B 145 12.34 19.49 -19.11
C VAL B 145 13.63 19.78 -18.37
N GLN B 146 13.51 20.37 -17.18
CA GLN B 146 14.65 20.71 -16.35
C GLN B 146 14.87 19.60 -15.33
N VAL B 147 16.05 19.00 -15.36
CA VAL B 147 16.38 17.90 -14.45
C VAL B 147 16.63 18.51 -13.07
N SER B 148 15.66 18.36 -12.18
CA SER B 148 15.74 18.85 -10.81
C SER B 148 15.54 17.65 -9.89
N THR B 149 16.62 16.95 -9.60
CA THR B 149 16.54 15.67 -8.89
C THR B 149 16.25 15.92 -7.41
N ASP B 150 15.19 15.31 -6.91
CA ASP B 150 14.87 15.39 -5.49
C ASP B 150 15.88 14.58 -4.68
N ILE B 151 16.25 15.12 -3.51
CA ILE B 151 17.24 14.45 -2.69
C ILE B 151 16.68 13.18 -2.08
N ALA B 152 15.41 13.20 -1.68
CA ALA B 152 14.81 12.01 -1.08
C ALA B 152 14.64 10.90 -2.11
N SER B 153 14.25 11.25 -3.34
CA SER B 153 14.10 10.25 -4.39
C SER B 153 15.46 9.72 -4.83
N TYR B 154 16.49 10.56 -4.82
CA TYR B 154 17.83 10.11 -5.19
C TYR B 154 18.38 9.11 -4.19
N LEU B 155 18.08 9.32 -2.89
CA LEU B 155 18.54 8.38 -1.87
C LEU B 155 17.91 7.02 -2.05
N SER B 156 16.61 6.98 -2.36
CA SER B 156 15.95 5.70 -2.60
C SER B 156 16.52 5.00 -3.83
N PHE B 157 16.80 5.76 -4.89
CA PHE B 157 17.40 5.18 -6.09
C PHE B 157 18.79 4.64 -5.82
N VAL B 158 19.60 5.38 -5.05
CA VAL B 158 20.96 4.94 -4.76
C VAL B 158 20.94 3.70 -3.87
N MET B 159 20.08 3.69 -2.85
CA MET B 159 19.97 2.53 -1.98
C MET B 159 19.44 1.31 -2.74
N ALA B 160 18.51 1.53 -3.67
CA ALA B 160 18.01 0.43 -4.48
C ALA B 160 19.11 -0.17 -5.33
N LEU B 161 19.96 0.68 -5.91
CA LEU B 161 21.05 0.18 -6.75
C LEU B 161 22.16 -0.44 -5.91
N PHE B 162 22.47 0.16 -4.76
CA PHE B 162 23.49 -0.39 -3.88
C PHE B 162 23.07 -1.77 -3.34
N MET B 163 21.81 -1.89 -2.92
CA MET B 163 21.32 -3.18 -2.45
C MET B 163 21.28 -4.20 -3.58
N ALA B 164 20.83 -3.79 -4.77
CA ALA B 164 20.72 -4.72 -5.88
C ALA B 164 22.09 -5.23 -6.32
N PHE B 165 23.07 -4.32 -6.43
CA PHE B 165 24.39 -4.74 -6.88
C PHE B 165 25.11 -5.55 -5.81
N GLY B 166 24.97 -5.17 -4.54
CA GLY B 166 25.61 -5.93 -3.49
C GLY B 166 25.06 -7.34 -3.34
N VAL B 167 23.74 -7.47 -3.38
CA VAL B 167 23.12 -8.79 -3.23
C VAL B 167 23.39 -9.65 -4.45
N SER B 168 23.24 -9.08 -5.65
CA SER B 168 23.41 -9.86 -6.86
C SER B 168 24.87 -10.23 -7.10
N PHE B 169 25.80 -9.49 -6.49
CA PHE B 169 27.21 -9.86 -6.59
C PHE B 169 27.50 -11.19 -5.91
N GLU B 170 26.74 -11.51 -4.86
CA GLU B 170 26.96 -12.77 -4.15
C GLU B 170 26.40 -13.97 -4.91
N VAL B 171 25.51 -13.74 -5.88
CA VAL B 171 24.87 -14.87 -6.57
C VAL B 171 25.87 -15.72 -7.34
N PRO B 172 26.75 -15.16 -8.20
CA PRO B 172 27.67 -16.03 -8.95
C PRO B 172 28.60 -16.84 -8.06
N VAL B 173 29.11 -16.24 -6.98
CA VAL B 173 30.03 -16.96 -6.11
C VAL B 173 29.29 -18.03 -5.31
N ALA B 174 28.08 -17.74 -4.86
CA ALA B 174 27.28 -18.74 -4.16
C ALA B 174 26.99 -19.93 -5.06
N ILE B 175 26.72 -19.67 -6.34
CA ILE B 175 26.48 -20.76 -7.29
C ILE B 175 27.74 -21.61 -7.44
N VAL B 176 28.91 -20.96 -7.55
CA VAL B 176 30.15 -21.70 -7.68
C VAL B 176 30.44 -22.50 -6.42
N LEU B 177 30.19 -21.91 -5.24
CA LEU B 177 30.39 -22.63 -4.00
C LEU B 177 29.49 -23.86 -3.91
N LEU B 178 28.22 -23.72 -4.30
CA LEU B 178 27.31 -24.86 -4.30
C LEU B 178 27.79 -25.94 -5.26
N CYS B 179 28.30 -25.54 -6.43
CA CYS B 179 28.81 -26.52 -7.37
C CYS B 179 30.08 -27.18 -6.86
N TRP B 180 30.86 -26.47 -6.05
CA TRP B 180 32.12 -27.03 -5.56
C TRP B 180 31.88 -28.18 -4.59
N MET B 181 30.99 -28.00 -3.62
CA MET B 181 30.72 -29.08 -2.68
C MET B 181 29.82 -30.16 -3.28
N GLY B 182 29.17 -29.87 -4.40
CA GLY B 182 28.33 -30.84 -5.07
C GLY B 182 26.86 -30.73 -4.77
N ILE B 183 26.41 -29.65 -4.14
CA ILE B 183 24.99 -29.48 -3.87
C ILE B 183 24.19 -29.40 -5.17
N THR B 184 24.70 -28.65 -6.14
CA THR B 184 24.04 -28.50 -7.43
C THR B 184 25.11 -28.52 -8.52
N SER B 185 24.81 -29.23 -9.59
CA SER B 185 25.69 -29.39 -10.74
C SER B 185 25.34 -28.37 -11.82
N PRO B 186 26.30 -27.98 -12.65
CA PRO B 186 25.98 -27.08 -13.77
C PRO B 186 24.94 -27.64 -14.71
N GLU B 187 24.90 -28.96 -14.90
CA GLU B 187 23.86 -29.56 -15.74
C GLU B 187 22.47 -29.34 -15.14
N ASP B 188 22.34 -29.49 -13.83
CA ASP B 188 21.05 -29.28 -13.18
C ASP B 188 20.67 -27.81 -13.16
N LEU B 189 21.66 -26.91 -13.16
CA LEU B 189 21.37 -25.49 -13.20
C LEU B 189 20.81 -25.06 -14.56
N ARG B 190 21.22 -25.72 -15.63
CA ARG B 190 20.74 -25.36 -16.96
C ARG B 190 19.29 -25.78 -17.17
N LYS B 191 18.88 -26.91 -16.60
CA LYS B 191 17.51 -27.37 -16.75
C LYS B 191 16.54 -26.68 -15.79
N LYS B 192 17.05 -25.93 -14.81
CA LYS B 192 16.23 -25.11 -13.94
C LYS B 192 16.18 -23.66 -14.39
N ARG B 193 16.73 -23.36 -15.57
CA ARG B 193 16.74 -22.00 -16.08
C ARG B 193 15.34 -21.41 -16.24
N PRO B 194 14.35 -22.10 -16.82
CA PRO B 194 13.01 -21.49 -16.91
C PRO B 194 12.41 -21.15 -15.55
N TYR B 195 12.70 -21.93 -14.52
CA TYR B 195 12.10 -21.69 -13.21
C TYR B 195 12.73 -20.49 -12.52
N VAL B 196 14.05 -20.30 -12.69
CA VAL B 196 14.72 -19.16 -12.07
C VAL B 196 14.25 -17.86 -12.72
N LEU B 197 14.01 -17.88 -14.03
CA LEU B 197 13.52 -16.69 -14.72
C LEU B 197 12.15 -16.28 -14.17
N VAL B 198 11.25 -17.24 -14.01
CA VAL B 198 9.95 -16.94 -13.41
C VAL B 198 10.10 -16.62 -11.93
N GLY B 199 10.98 -17.36 -11.24
CA GLY B 199 11.21 -17.09 -9.83
C GLY B 199 11.81 -15.73 -9.56
N ALA B 200 12.64 -15.23 -10.47
CA ALA B 200 13.23 -13.90 -10.30
C ALA B 200 12.16 -12.83 -10.28
N PHE B 201 11.15 -12.96 -11.15
CA PHE B 201 10.04 -12.01 -11.13
C PHE B 201 9.23 -12.12 -9.85
N VAL B 202 9.12 -13.33 -9.28
CA VAL B 202 8.39 -13.50 -8.02
C VAL B 202 9.16 -12.84 -6.88
N VAL B 203 10.48 -13.08 -6.82
CA VAL B 203 11.29 -12.49 -5.77
C VAL B 203 11.27 -10.97 -5.86
N GLY B 204 11.40 -10.43 -7.07
CA GLY B 204 11.32 -8.99 -7.24
C GLY B 204 9.96 -8.44 -6.89
N MET B 205 8.90 -9.19 -7.15
CA MET B 205 7.56 -8.74 -6.80
C MET B 205 7.38 -8.60 -5.29
N LEU B 206 7.91 -9.55 -4.52
CA LEU B 206 7.68 -9.57 -3.08
C LEU B 206 8.51 -8.50 -2.37
N LEU B 207 9.76 -8.33 -2.76
CA LEU B 207 10.70 -7.49 -2.03
C LEU B 207 10.71 -6.04 -2.49
N THR B 208 9.87 -5.68 -3.44
CA THR B 208 9.83 -4.34 -4.00
C THR B 208 8.40 -3.79 -3.96
N PRO B 209 8.24 -2.47 -4.00
CA PRO B 209 6.89 -1.89 -4.10
C PRO B 209 6.19 -2.37 -5.36
N PRO B 210 4.86 -2.22 -5.43
CA PRO B 210 4.11 -2.82 -6.55
C PRO B 210 4.44 -2.24 -7.92
N ASP B 211 5.39 -1.31 -8.02
CA ASP B 211 5.81 -0.81 -9.32
C ASP B 211 6.58 -1.88 -10.08
N VAL B 212 6.25 -2.06 -11.36
CA VAL B 212 6.95 -3.04 -12.18
C VAL B 212 8.41 -2.64 -12.37
N PHE B 213 8.70 -1.34 -12.35
CA PHE B 213 10.07 -0.87 -12.52
C PHE B 213 10.99 -1.43 -11.43
N SER B 214 10.53 -1.41 -10.18
CA SER B 214 11.32 -1.99 -9.10
C SER B 214 11.41 -3.50 -9.21
N GLN B 215 10.37 -4.14 -9.74
CA GLN B 215 10.40 -5.59 -9.94
C GLN B 215 11.49 -5.99 -10.92
N THR B 216 11.58 -5.28 -12.04
CA THR B 216 12.57 -5.62 -13.07
C THR B 216 13.98 -5.21 -12.65
N LEU B 217 14.10 -4.11 -11.89
CA LEU B 217 15.42 -3.66 -11.48
C LEU B 217 16.11 -4.67 -10.57
N LEU B 218 15.32 -5.49 -9.88
CA LEU B 218 15.89 -6.55 -9.05
C LEU B 218 15.97 -7.87 -9.81
N ALA B 219 15.01 -8.12 -10.71
CA ALA B 219 14.94 -9.41 -11.39
C ALA B 219 16.08 -9.59 -12.38
N ILE B 220 16.32 -8.58 -13.22
CA ILE B 220 17.32 -8.72 -14.29
C ILE B 220 18.72 -8.96 -13.73
N PRO B 221 19.21 -8.18 -12.75
CA PRO B 221 20.53 -8.53 -12.19
C PRO B 221 20.58 -9.91 -11.57
N MET B 222 19.49 -10.36 -10.94
CA MET B 222 19.49 -11.69 -10.32
C MET B 222 19.54 -12.79 -11.37
N TYR B 223 18.75 -12.68 -12.43
CA TYR B 223 18.74 -13.72 -13.45
C TYR B 223 20.00 -13.67 -14.30
N CYS B 224 20.45 -12.46 -14.67
CA CYS B 224 21.64 -12.35 -15.51
C CYS B 224 22.86 -12.90 -14.80
N LEU B 225 23.11 -12.45 -13.56
CA LEU B 225 24.26 -12.95 -12.82
C LEU B 225 24.11 -14.40 -12.41
N PHE B 226 22.88 -14.92 -12.37
CA PHE B 226 22.68 -16.36 -12.26
C PHE B 226 23.25 -17.08 -13.48
N GLU B 227 23.00 -16.53 -14.67
CA GLU B 227 23.52 -17.13 -15.90
C GLU B 227 25.05 -17.06 -15.93
N ILE B 228 25.62 -15.93 -15.50
CA ILE B 228 27.08 -15.82 -15.44
C ILE B 228 27.64 -16.79 -14.40
N GLY B 229 26.93 -16.99 -13.30
CA GLY B 229 27.40 -17.92 -12.28
C GLY B 229 27.49 -19.35 -12.80
N VAL B 230 26.52 -19.76 -13.62
CA VAL B 230 26.58 -21.08 -14.23
C VAL B 230 27.76 -21.19 -15.18
N PHE B 231 28.11 -20.09 -15.86
CA PHE B 231 29.22 -20.13 -16.79
C PHE B 231 30.54 -20.43 -16.08
N PHE B 232 30.79 -19.79 -14.94
CA PHE B 232 31.99 -20.11 -14.17
C PHE B 232 31.90 -21.48 -13.51
N SER B 233 30.70 -22.03 -13.35
CA SER B 233 30.59 -23.38 -12.79
C SER B 233 31.20 -24.41 -13.72
N ARG B 234 31.27 -24.12 -15.02
CA ARG B 234 31.96 -24.99 -15.95
C ARG B 234 33.45 -25.05 -15.63
N PHE B 235 34.05 -23.90 -15.29
CA PHE B 235 35.47 -23.82 -15.00
C PHE B 235 35.74 -24.12 -13.52
N TYR B 236 35.28 -25.29 -13.10
CA TYR B 236 35.47 -25.73 -11.72
C TYR B 236 35.30 -27.24 -11.60
N MET C 2 12.43 -27.31 23.40
CA MET C 2 12.74 -26.69 22.12
C MET C 2 14.24 -26.43 21.98
N ASP C 3 14.78 -26.75 20.81
CA ASP C 3 16.18 -26.51 20.52
C ASP C 3 16.35 -25.22 19.71
N ARG C 4 17.60 -24.84 19.47
CA ARG C 4 17.88 -23.63 18.70
C ARG C 4 17.38 -23.77 17.26
N ARG C 5 17.54 -24.95 16.67
CA ARG C 5 17.14 -25.13 15.27
C ARG C 5 15.64 -24.98 15.10
N ARG C 6 14.85 -25.56 16.01
CA ARG C 6 13.40 -25.44 15.93
C ARG C 6 12.95 -24.01 16.19
N PHE C 7 13.64 -23.31 17.10
CA PHE C 7 13.28 -21.92 17.37
C PHE C 7 13.51 -21.03 16.16
N ILE C 8 14.64 -21.21 15.48
CA ILE C 8 14.93 -20.41 14.30
C ILE C 8 14.02 -20.83 13.15
N LYS C 9 13.80 -22.13 12.98
CA LYS C 9 12.93 -22.61 11.91
C LYS C 9 11.50 -22.10 12.10
N GLY C 10 11.00 -22.14 13.33
CA GLY C 10 9.66 -21.64 13.59
C GLY C 10 9.55 -20.13 13.42
N SER C 11 10.57 -19.39 13.88
CA SER C 11 10.53 -17.93 13.77
C SER C 11 10.50 -17.49 12.32
N MET C 12 11.29 -18.12 11.45
CA MET C 12 11.26 -17.78 10.03
C MET C 12 9.92 -18.14 9.42
N ALA C 13 9.34 -19.28 9.81
CA ALA C 13 8.02 -19.65 9.31
C ALA C 13 6.97 -18.64 9.73
N MET C 14 7.01 -18.20 10.99
CA MET C 14 6.07 -17.19 11.46
C MET C 14 6.30 -15.87 10.74
N ALA C 15 7.56 -15.49 10.54
CA ALA C 15 7.85 -14.26 9.81
C ALA C 15 7.40 -14.36 8.36
N ALA C 16 7.59 -15.52 7.74
CA ALA C 16 7.16 -15.71 6.35
C ALA C 16 5.65 -15.63 6.22
N VAL C 17 4.92 -16.19 7.20
CA VAL C 17 3.46 -16.13 7.15
C VAL C 17 2.97 -14.69 7.26
N CYS C 18 3.58 -13.91 8.15
CA CYS C 18 3.20 -12.51 8.31
C CYS C 18 3.49 -11.72 7.04
N GLY C 19 4.53 -12.09 6.30
CA GLY C 19 4.82 -11.42 5.04
C GLY C 19 3.89 -11.78 3.91
N THR C 20 3.16 -12.89 4.03
CA THR C 20 2.23 -13.33 3.00
C THR C 20 0.77 -13.27 3.42
N SER C 21 0.48 -13.19 4.73
CA SER C 21 -0.90 -13.13 5.20
C SER C 21 -1.13 -12.11 6.30
N GLY C 22 -0.12 -11.31 6.68
CA GLY C 22 -0.28 -10.30 7.68
C GLY C 22 -0.11 -10.81 9.10
N ILE C 23 -0.10 -9.87 10.04
CA ILE C 23 0.06 -10.22 11.45
C ILE C 23 -1.24 -10.77 12.04
N ALA C 24 -2.39 -10.48 11.42
CA ALA C 24 -3.65 -11.01 11.94
C ALA C 24 -3.74 -12.52 11.76
N SER C 25 -3.16 -13.06 10.69
CA SER C 25 -3.17 -14.51 10.49
C SER C 25 -2.39 -15.23 11.57
N LEU C 26 -1.26 -14.66 11.99
CA LEU C 26 -0.46 -15.29 13.05
C LEU C 26 -1.23 -15.36 14.35
N PHE C 27 -1.96 -14.29 14.69
CA PHE C 27 -2.72 -14.26 15.93
C PHE C 27 -4.03 -15.03 15.85
N SER C 28 -4.41 -15.51 14.67
CA SER C 28 -5.64 -16.27 14.50
C SER C 28 -5.51 -17.66 15.13
N ASP D 5 -33.16 -1.07 26.92
CA ASP D 5 -34.24 -0.82 25.97
C ASP D 5 -33.84 -1.27 24.57
N THR D 6 -34.25 -2.49 24.21
CA THR D 6 -33.93 -3.03 22.90
C THR D 6 -34.75 -2.34 21.81
N GLN D 7 -34.11 -2.08 20.68
CA GLN D 7 -34.75 -1.42 19.55
CA GLN D 7 -34.75 -1.42 19.55
C GLN D 7 -34.35 -2.14 18.26
N PRO D 8 -35.18 -2.07 17.22
CA PRO D 8 -34.80 -2.67 15.95
C PRO D 8 -33.60 -1.97 15.33
N LEU D 9 -32.96 -2.70 14.40
CA LEU D 9 -31.73 -2.19 13.79
C LEU D 9 -32.00 -0.91 12.99
N ILE D 10 -33.16 -0.83 12.34
CA ILE D 10 -33.48 0.36 11.55
C ILE D 10 -33.57 1.60 12.43
N THR D 11 -34.06 1.44 13.66
CA THR D 11 -34.16 2.58 14.57
C THR D 11 -32.80 3.19 14.85
N HIS D 12 -31.78 2.35 15.08
CA HIS D 12 -30.43 2.85 15.26
C HIS D 12 -29.87 3.43 13.96
N LEU D 13 -30.21 2.81 12.82
CA LEU D 13 -29.74 3.33 11.54
C LEU D 13 -30.49 4.59 11.12
N ILE D 14 -31.76 4.72 11.50
CA ILE D 14 -32.49 5.97 11.25
C ILE D 14 -31.84 7.11 12.02
N GLU D 15 -31.53 6.87 13.30
CA GLU D 15 -30.90 7.90 14.11
C GLU D 15 -29.49 8.22 13.62
N LEU D 16 -28.73 7.17 13.26
CA LEU D 16 -27.37 7.38 12.77
C LEU D 16 -27.37 8.16 11.45
N ARG D 17 -28.32 7.86 10.56
CA ARG D 17 -28.42 8.60 9.31
C ARG D 17 -28.76 10.07 9.56
N LYS D 18 -29.65 10.33 10.52
CA LYS D 18 -29.99 11.70 10.85
C LYS D 18 -28.79 12.46 11.41
N ARG D 19 -28.02 11.81 12.29
CA ARG D 19 -26.85 12.48 12.87
C ARG D 19 -25.74 12.64 11.84
N LEU D 20 -25.59 11.67 10.94
CA LEU D 20 -24.59 11.79 9.88
C LEU D 20 -24.91 12.95 8.95
N LEU D 21 -26.19 13.16 8.64
CA LEU D 21 -26.57 14.28 7.78
C LEU D 21 -26.23 15.62 8.42
N ASN D 22 -26.48 15.75 9.72
CA ASN D 22 -26.14 16.99 10.42
C ASN D 22 -24.64 17.24 10.40
N CYS D 23 -23.83 16.18 10.40
CA CYS D 23 -22.39 16.35 10.29
C CYS D 23 -22.00 16.76 8.86
N ILE D 24 -22.59 16.13 7.85
CA ILE D 24 -22.27 16.47 6.47
C ILE D 24 -22.75 17.88 6.14
N ILE D 25 -23.94 18.25 6.60
CA ILE D 25 -24.46 19.59 6.32
C ILE D 25 -23.54 20.65 6.93
N ALA D 26 -23.08 20.42 8.15
CA ALA D 26 -22.18 21.38 8.79
C ALA D 26 -20.87 21.52 8.02
N VAL D 27 -20.30 20.40 7.57
CA VAL D 27 -19.04 20.45 6.84
C VAL D 27 -19.22 21.14 5.50
N ILE D 28 -20.29 20.81 4.78
CA ILE D 28 -20.49 21.36 3.44
C ILE D 28 -20.75 22.88 3.51
N VAL D 29 -21.59 23.30 4.45
CA VAL D 29 -21.91 24.73 4.56
C VAL D 29 -20.66 25.54 4.89
N ILE D 30 -19.85 25.04 5.83
CA ILE D 30 -18.60 25.70 6.17
C ILE D 30 -17.65 25.68 4.97
N PHE D 31 -17.60 24.56 4.25
CA PHE D 31 -16.74 24.45 3.08
C PHE D 31 -17.15 25.44 2.00
N LEU D 32 -18.45 25.59 1.76
CA LEU D 32 -18.93 26.52 0.75
C LEU D 32 -18.59 27.96 1.12
N CYS D 33 -18.70 28.31 2.40
CA CYS D 33 -18.34 29.64 2.86
C CYS D 33 -16.83 29.88 2.85
N LEU D 34 -16.02 28.82 2.73
CA LEU D 34 -14.58 28.94 2.79
C LEU D 34 -13.88 28.57 1.50
N VAL D 35 -14.57 27.94 0.54
CA VAL D 35 -13.91 27.47 -0.66
C VAL D 35 -13.43 28.62 -1.53
N TYR D 36 -14.09 29.78 -1.45
CA TYR D 36 -13.67 30.93 -2.24
C TYR D 36 -12.33 31.48 -1.78
N PHE D 37 -12.01 31.33 -0.49
CA PHE D 37 -10.74 31.79 0.07
C PHE D 37 -9.72 30.67 0.21
N ALA D 38 -9.78 29.68 -0.69
CA ALA D 38 -8.87 28.53 -0.57
C ALA D 38 -7.41 28.97 -0.72
N ASN D 39 -7.13 29.85 -1.67
CA ASN D 39 -5.76 30.34 -1.83
C ASN D 39 -5.35 31.22 -0.66
N ASP D 40 -6.26 32.06 -0.17
CA ASP D 40 -5.94 32.89 0.98
C ASP D 40 -5.73 32.06 2.24
N ILE D 41 -6.49 30.97 2.39
CA ILE D 41 -6.27 30.08 3.52
C ILE D 41 -4.93 29.37 3.39
N TYR D 42 -4.54 29.00 2.18
CA TYR D 42 -3.23 28.36 2.00
C TYR D 42 -2.09 29.34 2.27
N HIS D 43 -2.29 30.62 1.99
CA HIS D 43 -1.27 31.61 2.31
CA HIS D 43 -1.27 31.61 2.31
C HIS D 43 -1.02 31.67 3.82
N LEU D 44 -2.08 31.59 4.62
CA LEU D 44 -1.92 31.62 6.07
C LEU D 44 -1.17 30.39 6.56
N VAL D 45 -1.49 29.21 6.03
CA VAL D 45 -0.86 27.98 6.49
C VAL D 45 0.60 27.94 6.09
N SER D 46 0.93 28.41 4.88
CA SER D 46 2.29 28.40 4.39
C SER D 46 3.08 29.64 4.81
N ALA D 47 2.46 30.57 5.53
CA ALA D 47 3.19 31.75 6.00
C ALA D 47 4.39 31.42 6.88
N PRO D 48 4.32 30.51 7.85
CA PRO D 48 5.55 30.17 8.60
C PRO D 48 6.68 29.65 7.74
N LEU D 49 6.36 28.88 6.69
CA LEU D 49 7.42 28.33 5.84
C LEU D 49 8.03 29.40 4.94
N ILE D 50 7.20 30.27 4.38
CA ILE D 50 7.70 31.30 3.46
C ILE D 50 8.65 32.23 4.18
N LYS D 51 8.33 32.62 5.41
CA LYS D 51 9.17 33.51 6.18
C LYS D 51 10.54 32.92 6.48
N GLN D 52 10.64 31.59 6.51
CA GLN D 52 11.89 30.92 6.85
C GLN D 52 12.60 30.32 5.65
N LEU D 53 12.04 30.44 4.45
CA LEU D 53 12.69 29.89 3.27
C LEU D 53 13.94 30.71 2.94
N PRO D 54 14.97 30.06 2.41
CA PRO D 54 16.20 30.78 2.05
C PRO D 54 15.96 31.71 0.87
N GLN D 55 16.90 32.64 0.70
CA GLN D 55 16.84 33.56 -0.43
C GLN D 55 16.89 32.79 -1.74
N GLY D 56 15.99 33.14 -2.66
CA GLY D 56 15.89 32.44 -3.92
C GLY D 56 15.08 31.17 -3.90
N SER D 57 14.52 30.80 -2.75
CA SER D 57 13.72 29.60 -2.62
C SER D 57 12.23 29.95 -2.60
N THR D 58 11.43 29.14 -3.28
CA THR D 58 10.00 29.35 -3.31
C THR D 58 9.31 27.98 -3.37
N MET D 59 8.04 27.97 -2.97
CA MET D 59 7.25 26.75 -3.04
C MET D 59 6.91 26.42 -4.49
N ILE D 60 6.83 25.12 -4.77
CA ILE D 60 6.56 24.62 -6.11
C ILE D 60 5.35 23.70 -6.06
N ALA D 61 4.80 23.41 -7.23
CA ALA D 61 3.69 22.48 -7.40
C ALA D 61 4.10 21.44 -8.44
N THR D 62 4.38 20.22 -7.98
CA THR D 62 4.86 19.16 -8.85
C THR D 62 3.76 18.37 -9.52
N ASP D 63 2.50 18.57 -9.13
CA ASP D 63 1.37 17.87 -9.70
C ASP D 63 0.51 18.85 -10.52
N VAL D 64 -0.08 18.32 -11.59
CA VAL D 64 -0.88 19.16 -12.48
C VAL D 64 -2.10 19.71 -11.76
N ALA D 65 -2.77 18.86 -10.99
CA ALA D 65 -3.97 19.27 -10.25
C ALA D 65 -3.67 19.83 -8.87
N SER D 66 -2.41 19.80 -8.45
CA SER D 66 -2.05 20.34 -7.14
C SER D 66 -2.39 21.82 -6.97
N PRO D 67 -2.13 22.72 -7.93
CA PRO D 67 -2.42 24.13 -7.69
C PRO D 67 -3.86 24.43 -7.35
N PHE D 68 -4.81 23.59 -7.76
CA PHE D 68 -6.21 23.78 -7.44
C PHE D 68 -6.68 22.88 -6.29
N PHE D 69 -6.36 21.60 -6.34
CA PHE D 69 -6.92 20.64 -5.40
C PHE D 69 -6.18 20.56 -4.07
N THR D 70 -4.99 21.15 -3.96
CA THR D 70 -4.33 21.16 -2.66
C THR D 70 -4.94 22.24 -1.76
N PRO D 71 -5.15 23.48 -2.25
CA PRO D 71 -5.94 24.42 -1.44
C PRO D 71 -7.36 23.95 -1.19
N ILE D 72 -7.97 23.24 -2.14
CA ILE D 72 -9.31 22.70 -1.93
C ILE D 72 -9.29 21.62 -0.86
N LYS D 73 -8.27 20.77 -0.87
CA LYS D 73 -8.11 19.79 0.20
C LYS D 73 -7.91 20.44 1.55
N LEU D 74 -7.19 21.56 1.59
CA LEU D 74 -6.92 22.23 2.85
C LEU D 74 -8.17 22.84 3.44
N THR D 75 -8.95 23.56 2.64
CA THR D 75 -10.17 24.18 3.16
C THR D 75 -11.22 23.15 3.53
N PHE D 76 -11.17 21.95 2.95
CA PHE D 76 -12.05 20.88 3.38
C PHE D 76 -11.73 20.42 4.79
N MET D 77 -10.46 20.19 5.09
CA MET D 77 -10.08 19.75 6.43
C MET D 77 -10.19 20.87 7.45
N VAL D 78 -10.02 22.12 7.00
CA VAL D 78 -10.34 23.25 7.88
C VAL D 78 -11.81 23.23 8.25
N SER D 79 -12.67 22.87 7.28
CA SER D 79 -14.09 22.73 7.58
C SER D 79 -14.35 21.62 8.59
N LEU D 80 -13.62 20.50 8.46
CA LEU D 80 -13.78 19.41 9.42
C LEU D 80 -13.37 19.85 10.82
N ILE D 81 -12.27 20.59 10.95
CA ILE D 81 -11.83 21.07 12.25
C ILE D 81 -12.82 22.07 12.82
N LEU D 82 -13.31 22.99 12.00
CA LEU D 82 -14.26 23.99 12.48
C LEU D 82 -15.61 23.36 12.83
N SER D 83 -15.95 22.24 12.20
CA SER D 83 -17.20 21.54 12.48
C SER D 83 -17.06 20.47 13.54
N ALA D 84 -15.88 20.35 14.16
CA ALA D 84 -15.71 19.36 15.22
C ALA D 84 -16.70 19.52 16.38
N PRO D 85 -17.01 20.72 16.88
CA PRO D 85 -18.04 20.81 17.93
C PRO D 85 -19.39 20.24 17.50
N VAL D 86 -19.79 20.46 16.25
CA VAL D 86 -21.04 19.90 15.77
C VAL D 86 -20.93 18.39 15.62
N ILE D 87 -19.83 17.91 15.05
CA ILE D 87 -19.63 16.47 14.87
C ILE D 87 -19.59 15.76 16.23
N LEU D 88 -18.87 16.34 17.19
CA LEU D 88 -18.76 15.71 18.50
C LEU D 88 -20.09 15.68 19.23
N TYR D 89 -20.92 16.71 19.07
CA TYR D 89 -22.24 16.68 19.69
C TYR D 89 -23.11 15.58 19.09
N GLN D 90 -23.07 15.42 17.76
CA GLN D 90 -23.84 14.37 17.12
C GLN D 90 -23.34 12.99 17.56
N VAL D 91 -22.02 12.84 17.71
CA VAL D 91 -21.47 11.60 18.27
C VAL D 91 -21.95 11.41 19.71
N TRP D 92 -21.94 12.49 20.49
CA TRP D 92 -22.40 12.39 21.88
C TRP D 92 -23.87 12.02 21.95
N ALA D 93 -24.71 12.62 21.11
CA ALA D 93 -26.13 12.34 21.14
C ALA D 93 -26.46 10.93 20.69
N PHE D 94 -25.65 10.35 19.80
CA PHE D 94 -25.86 8.98 19.38
C PHE D 94 -25.43 7.99 20.45
N ILE D 95 -24.35 8.29 21.19
CA ILE D 95 -23.82 7.38 22.19
C ILE D 95 -24.31 7.71 23.59
N ALA D 96 -25.14 8.73 23.75
CA ALA D 96 -25.64 9.07 25.08
C ALA D 96 -26.44 7.96 25.73
N PRO D 97 -27.41 7.30 25.07
CA PRO D 97 -28.13 6.21 25.73
C PRO D 97 -27.29 4.97 26.00
N ALA D 98 -26.17 4.80 25.30
CA ALA D 98 -25.32 3.64 25.52
C ALA D 98 -24.53 3.76 26.82
N LEU D 99 -24.12 4.98 27.18
CA LEU D 99 -23.27 5.18 28.34
C LEU D 99 -24.08 5.06 29.63
N TYR D 100 -23.47 4.44 30.64
CA TYR D 100 -24.05 4.40 31.97
C TYR D 100 -23.78 5.71 32.69
N LYS D 101 -24.35 5.84 33.90
CA LYS D 101 -24.16 7.07 34.67
C LYS D 101 -22.71 7.26 35.07
N HIS D 102 -22.03 6.19 35.46
CA HIS D 102 -20.62 6.30 35.85
C HIS D 102 -19.73 6.57 34.65
N GLU D 103 -20.05 5.99 33.49
CA GLU D 103 -19.30 6.29 32.27
C GLU D 103 -19.64 7.65 31.70
N ARG D 104 -20.80 8.20 32.04
CA ARG D 104 -21.16 9.55 31.60
C ARG D 104 -20.31 10.59 32.31
N ARG D 105 -19.93 10.36 33.57
CA ARG D 105 -19.11 11.29 34.33
C ARG D 105 -17.69 11.40 33.81
N LEU D 106 -17.27 10.51 32.92
CA LEU D 106 -15.93 10.53 32.35
C LEU D 106 -15.89 10.95 30.89
N VAL D 107 -16.85 10.52 30.09
CA VAL D 107 -16.84 10.85 28.66
C VAL D 107 -17.14 12.33 28.45
N VAL D 108 -18.10 12.89 29.20
CA VAL D 108 -18.43 14.30 29.05
C VAL D 108 -17.23 15.20 29.34
N PRO D 109 -16.50 15.05 30.46
CA PRO D 109 -15.28 15.85 30.62
C PRO D 109 -14.25 15.60 29.53
N LEU D 110 -14.15 14.38 29.03
CA LEU D 110 -13.20 14.10 27.96
C LEU D 110 -13.58 14.81 26.67
N LEU D 111 -14.86 14.78 26.31
CA LEU D 111 -15.29 15.39 25.05
C LEU D 111 -15.10 16.90 25.07
N VAL D 112 -15.46 17.56 26.18
CA VAL D 112 -15.32 19.01 26.26
C VAL D 112 -13.84 19.41 26.31
N SER D 113 -13.05 18.71 27.13
CA SER D 113 -11.64 19.06 27.26
C SER D 113 -10.85 18.74 25.99
N SER D 114 -11.22 17.66 25.29
CA SER D 114 -10.52 17.31 24.06
C SER D 114 -10.67 18.40 23.01
N SER D 115 -11.86 18.99 22.89
CA SER D 115 -12.11 19.99 21.85
C SER D 115 -11.21 21.20 22.04
N LEU D 116 -11.09 21.69 23.28
CA LEU D 116 -10.28 22.88 23.52
C LEU D 116 -8.80 22.57 23.35
N LEU D 117 -8.34 21.45 23.92
CA LEU D 117 -6.93 21.09 23.81
C LEU D 117 -6.53 20.78 22.38
N PHE D 118 -7.45 20.23 21.58
CA PHE D 118 -7.13 19.90 20.20
C PHE D 118 -6.94 21.17 19.38
N TYR D 119 -7.66 22.24 19.74
CA TYR D 119 -7.44 23.54 19.09
C TYR D 119 -6.18 24.20 19.61
N ILE D 120 -5.90 24.07 20.91
CA ILE D 120 -4.65 24.60 21.46
C ILE D 120 -3.46 23.89 20.85
N GLY D 121 -3.64 22.64 20.41
CA GLY D 121 -2.57 21.96 19.70
C GLY D 121 -2.17 22.66 18.41
N MET D 122 -3.17 23.07 17.60
CA MET D 122 -2.86 23.86 16.40
C MET D 122 -2.28 25.22 16.77
N ALA D 123 -2.86 25.89 17.77
CA ALA D 123 -2.35 27.21 18.15
C ALA D 123 -0.91 27.12 18.63
N PHE D 124 -0.58 26.09 19.40
CA PHE D 124 0.80 25.90 19.81
C PHE D 124 1.69 25.51 18.65
N ALA D 125 1.21 24.60 17.78
CA ALA D 125 2.03 24.16 16.65
C ALA D 125 2.24 25.28 15.64
N TYR D 126 1.19 26.04 15.34
CA TYR D 126 1.30 27.07 14.31
C TYR D 126 2.13 28.25 14.80
N PHE D 127 1.90 28.70 16.03
CA PHE D 127 2.51 29.93 16.52
C PHE D 127 3.86 29.71 17.23
N VAL D 128 4.23 28.47 17.54
CA VAL D 128 5.48 28.22 18.23
C VAL D 128 6.33 27.21 17.47
N VAL D 129 5.77 26.02 17.23
CA VAL D 129 6.56 24.93 16.65
C VAL D 129 6.91 25.22 15.19
N PHE D 130 5.94 25.70 14.42
CA PHE D 130 6.18 25.93 12.99
C PHE D 130 7.29 26.94 12.72
N PRO D 131 7.32 28.12 13.36
CA PRO D 131 8.46 29.03 13.11
C PRO D 131 9.79 28.43 13.51
N LEU D 132 9.83 27.64 14.59
CA LEU D 132 11.09 27.08 15.05
C LEU D 132 11.55 25.93 14.15
N ALA D 133 10.62 25.05 13.75
CA ALA D 133 10.99 23.91 12.93
C ALA D 133 11.32 24.32 11.51
N PHE D 134 10.51 25.21 10.92
CA PHE D 134 10.73 25.60 9.54
C PHE D 134 12.01 26.43 9.39
N GLY D 135 12.35 27.22 10.41
CA GLY D 135 13.59 27.98 10.36
C GLY D 135 14.83 27.11 10.41
N PHE D 136 14.72 25.90 10.95
CA PHE D 136 15.83 24.96 11.00
C PHE D 136 15.83 24.02 9.80
N LEU D 137 14.66 23.46 9.47
CA LEU D 137 14.59 22.48 8.38
C LEU D 137 14.92 23.11 7.03
N ALA D 138 14.44 24.33 6.78
CA ALA D 138 14.65 24.97 5.50
C ALA D 138 16.06 25.51 5.32
N ASN D 139 16.86 25.59 6.38
CA ASN D 139 18.21 26.13 6.31
C ASN D 139 19.27 25.10 6.68
N THR D 140 18.94 23.82 6.64
CA THR D 140 19.89 22.75 6.95
C THR D 140 20.15 21.85 5.75
N ALA D 141 19.80 22.30 4.55
CA ALA D 141 19.98 21.50 3.37
C ALA D 141 21.47 21.37 3.02
N PRO D 142 21.86 20.27 2.38
CA PRO D 142 23.25 20.13 1.93
C PRO D 142 23.59 21.17 0.89
N GLU D 143 24.88 21.48 0.79
CA GLU D 143 25.36 22.47 -0.16
C GLU D 143 24.99 22.08 -1.58
N GLY D 144 24.48 23.05 -2.34
CA GLY D 144 24.03 22.81 -3.68
C GLY D 144 22.61 22.34 -3.83
N VAL D 145 21.90 22.11 -2.72
CA VAL D 145 20.52 21.66 -2.74
C VAL D 145 19.60 22.86 -2.59
N GLN D 146 18.69 23.03 -3.53
CA GLN D 146 17.75 24.15 -3.53
C GLN D 146 16.45 23.71 -2.89
N VAL D 147 16.06 24.37 -1.81
CA VAL D 147 14.84 24.02 -1.09
C VAL D 147 13.64 24.50 -1.88
N SER D 148 12.95 23.58 -2.55
CA SER D 148 11.77 23.88 -3.37
C SER D 148 10.63 23.01 -2.86
N THR D 149 9.93 23.51 -1.84
CA THR D 149 8.93 22.69 -1.16
C THR D 149 7.68 22.54 -2.01
N ASP D 150 7.26 21.29 -2.22
CA ASP D 150 6.02 21.03 -2.93
C ASP D 150 4.84 21.37 -2.05
N ILE D 151 3.82 21.99 -2.65
CA ILE D 151 2.65 22.40 -1.89
C ILE D 151 1.85 21.20 -1.40
N ALA D 152 1.81 20.12 -2.19
CA ALA D 152 1.12 18.92 -1.75
C ALA D 152 1.82 18.26 -0.58
N SER D 153 3.15 18.19 -0.62
CA SER D 153 3.90 17.59 0.48
C SER D 153 3.80 18.44 1.74
N TYR D 154 3.80 19.77 1.59
CA TYR D 154 3.73 20.64 2.75
C TYR D 154 2.41 20.49 3.49
N LEU D 155 1.30 20.33 2.76
CA LEU D 155 0.00 20.17 3.38
C LEU D 155 -0.07 18.90 4.21
N SER D 156 0.49 17.81 3.70
CA SER D 156 0.52 16.56 4.45
C SER D 156 1.36 16.70 5.71
N PHE D 157 2.52 17.36 5.60
CA PHE D 157 3.38 17.55 6.76
C PHE D 157 2.70 18.42 7.82
N VAL D 158 2.01 19.48 7.40
CA VAL D 158 1.37 20.38 8.35
C VAL D 158 0.23 19.67 9.08
N MET D 159 -0.60 18.92 8.35
CA MET D 159 -1.69 18.19 9.00
C MET D 159 -1.17 17.03 9.84
N ALA D 160 -0.03 16.46 9.45
CA ALA D 160 0.59 15.45 10.30
C ALA D 160 0.97 16.03 11.66
N LEU D 161 1.53 17.24 11.65
CA LEU D 161 1.90 17.89 12.90
C LEU D 161 0.69 18.41 13.65
N PHE D 162 -0.28 18.97 12.93
CA PHE D 162 -1.49 19.48 13.58
C PHE D 162 -2.26 18.36 14.26
N MET D 163 -2.42 17.22 13.59
CA MET D 163 -3.09 16.08 14.20
C MET D 163 -2.28 15.53 15.36
N ALA D 164 -0.95 15.47 15.22
CA ALA D 164 -0.12 14.95 16.29
C ALA D 164 -0.19 15.81 17.54
N PHE D 165 -0.16 17.14 17.37
CA PHE D 165 -0.16 18.02 18.54
C PHE D 165 -1.53 18.09 19.19
N GLY D 166 -2.60 18.11 18.38
CA GLY D 166 -3.94 18.15 18.94
C GLY D 166 -4.28 16.91 19.74
N VAL D 167 -3.92 15.73 19.21
CA VAL D 167 -4.21 14.48 19.91
C VAL D 167 -3.32 14.35 21.15
N SER D 168 -2.04 14.66 21.01
CA SER D 168 -1.10 14.44 22.11
C SER D 168 -1.32 15.43 23.24
N PHE D 169 -1.87 16.61 22.94
CA PHE D 169 -2.18 17.57 24.01
C PHE D 169 -3.22 17.02 24.97
N GLU D 170 -4.13 16.18 24.48
CA GLU D 170 -5.18 15.62 25.33
C GLU D 170 -4.66 14.52 26.24
N VAL D 171 -3.50 13.93 25.94
CA VAL D 171 -3.01 12.80 26.73
C VAL D 171 -2.75 13.17 28.18
N PRO D 172 -2.01 14.25 28.51
CA PRO D 172 -1.79 14.55 29.93
C PRO D 172 -3.06 14.84 30.70
N VAL D 173 -4.00 15.59 30.11
CA VAL D 173 -5.24 15.90 30.81
C VAL D 173 -6.10 14.65 30.98
N ALA D 174 -6.11 13.79 29.97
CA ALA D 174 -6.82 12.51 30.10
C ALA D 174 -6.23 11.67 31.21
N ILE D 175 -4.90 11.64 31.32
CA ILE D 175 -4.24 10.90 32.40
C ILE D 175 -4.60 11.50 33.75
N VAL D 176 -4.56 12.83 33.86
CA VAL D 176 -4.87 13.48 35.14
C VAL D 176 -6.33 13.25 35.50
N LEU D 177 -7.22 13.31 34.52
CA LEU D 177 -8.63 13.02 34.79
C LEU D 177 -8.83 11.59 35.26
N LEU D 178 -8.17 10.63 34.59
CA LEU D 178 -8.30 9.24 35.02
C LEU D 178 -7.76 9.05 36.44
N CYS D 179 -6.70 9.77 36.79
CA CYS D 179 -6.22 9.73 38.16
C CYS D 179 -7.19 10.38 39.12
N TRP D 180 -7.92 11.41 38.66
CA TRP D 180 -8.86 12.10 39.54
C TRP D 180 -10.09 11.24 39.83
N MET D 181 -10.66 10.62 38.79
CA MET D 181 -11.79 9.72 39.01
C MET D 181 -11.39 8.45 39.74
N GLY D 182 -10.10 8.14 39.80
CA GLY D 182 -9.63 6.94 40.47
C GLY D 182 -9.47 5.73 39.58
N ILE D 183 -9.60 5.89 38.27
CA ILE D 183 -9.45 4.74 37.37
C ILE D 183 -8.03 4.20 37.41
N THR D 184 -7.04 5.09 37.40
CA THR D 184 -5.65 4.69 37.38
C THR D 184 -4.87 5.57 38.34
N SER D 185 -3.90 4.97 39.02
CA SER D 185 -3.05 5.65 39.99
C SER D 185 -1.68 5.94 39.38
N PRO D 186 -0.99 6.99 39.85
CA PRO D 186 0.37 7.25 39.36
C PRO D 186 1.32 6.08 39.57
N GLU D 187 1.15 5.32 40.66
CA GLU D 187 1.99 4.15 40.87
C GLU D 187 1.78 3.10 39.78
N ASP D 188 0.53 2.87 39.39
CA ASP D 188 0.23 1.91 38.34
C ASP D 188 0.68 2.40 36.96
N LEU D 189 0.78 3.70 36.77
CA LEU D 189 1.24 4.23 35.49
C LEU D 189 2.75 4.06 35.33
N ARG D 190 3.49 4.08 36.44
CA ARG D 190 4.93 3.92 36.36
C ARG D 190 5.32 2.48 36.03
N LYS D 191 4.58 1.50 36.54
CA LYS D 191 4.88 0.11 36.26
C LYS D 191 4.35 -0.34 34.90
N LYS D 192 3.50 0.46 34.27
CA LYS D 192 3.05 0.21 32.90
C LYS D 192 3.84 1.00 31.87
N ARG D 193 4.93 1.64 32.30
CA ARG D 193 5.76 2.42 31.39
C ARG D 193 6.35 1.58 30.26
N PRO D 194 6.94 0.40 30.49
CA PRO D 194 7.48 -0.37 29.37
C PRO D 194 6.44 -0.74 28.32
N TYR D 195 5.20 -1.02 28.74
CA TYR D 195 4.16 -1.41 27.79
C TYR D 195 3.67 -0.25 26.94
N VAL D 196 3.62 0.97 27.52
CA VAL D 196 3.21 2.13 26.75
C VAL D 196 4.25 2.48 25.69
N LEU D 197 5.53 2.32 26.03
CA LEU D 197 6.59 2.60 25.06
C LEU D 197 6.49 1.67 23.86
N VAL D 198 6.27 0.38 24.11
CA VAL D 198 6.05 -0.56 23.00
C VAL D 198 4.69 -0.29 22.36
N GLY D 199 3.68 0.02 23.17
CA GLY D 199 2.37 0.31 22.63
C GLY D 199 2.34 1.57 21.76
N ALA D 200 3.15 2.56 22.10
CA ALA D 200 3.22 3.78 21.29
C ALA D 200 3.71 3.47 19.88
N PHE D 201 4.70 2.60 19.76
CA PHE D 201 5.18 2.19 18.44
C PHE D 201 4.12 1.40 17.69
N VAL D 202 3.32 0.60 18.40
CA VAL D 202 2.24 -0.14 17.75
C VAL D 202 1.17 0.81 17.23
N VAL D 203 0.77 1.79 18.04
CA VAL D 203 -0.25 2.75 17.61
C VAL D 203 0.26 3.58 16.44
N GLY D 204 1.52 4.02 16.50
CA GLY D 204 2.08 4.77 15.39
C GLY D 204 2.18 3.94 14.12
N MET D 205 2.46 2.65 14.26
CA MET D 205 2.55 1.78 13.08
C MET D 205 1.19 1.65 12.39
N LEU D 206 0.12 1.52 13.16
CA LEU D 206 -1.19 1.26 12.57
C LEU D 206 -1.78 2.49 11.90
N LEU D 207 -1.63 3.66 12.52
CA LEU D 207 -2.30 4.87 12.07
C LEU D 207 -1.48 5.69 11.08
N THR D 208 -0.32 5.20 10.67
CA THR D 208 0.56 5.91 9.76
C THR D 208 0.96 5.00 8.60
N PRO D 209 1.38 5.58 7.48
CA PRO D 209 1.90 4.77 6.38
C PRO D 209 3.10 3.95 6.82
N PRO D 210 3.49 2.93 6.06
CA PRO D 210 4.54 2.01 6.53
C PRO D 210 5.91 2.65 6.70
N ASP D 211 6.05 3.95 6.48
CA ASP D 211 7.33 4.62 6.72
C ASP D 211 7.58 4.71 8.22
N VAL D 212 8.80 4.36 8.64
CA VAL D 212 9.17 4.46 10.04
C VAL D 212 9.18 5.91 10.50
N PHE D 213 9.43 6.84 9.57
CA PHE D 213 9.46 8.26 9.91
C PHE D 213 8.12 8.72 10.48
N SER D 214 7.02 8.30 9.86
CA SER D 214 5.70 8.66 10.38
C SER D 214 5.39 7.94 11.68
N GLN D 215 5.93 6.73 11.85
CA GLN D 215 5.72 6.01 13.11
C GLN D 215 6.35 6.74 14.29
N THR D 216 7.58 7.21 14.13
CA THR D 216 8.28 7.87 15.22
C THR D 216 7.76 9.30 15.42
N LEU D 217 7.36 9.96 14.34
CA LEU D 217 6.83 11.32 14.46
C LEU D 217 5.52 11.34 15.25
N LEU D 218 4.86 10.20 15.39
CA LEU D 218 3.64 10.12 16.18
C LEU D 218 3.88 9.47 17.54
N ALA D 219 4.63 8.37 17.58
CA ALA D 219 4.82 7.63 18.82
C ALA D 219 5.52 8.47 19.88
N ILE D 220 6.58 9.19 19.48
CA ILE D 220 7.32 10.01 20.45
C ILE D 220 6.43 11.06 21.11
N PRO D 221 5.58 11.80 20.39
CA PRO D 221 4.63 12.68 21.09
C PRO D 221 3.72 11.98 22.09
N MET D 222 3.23 10.77 21.80
CA MET D 222 2.41 10.08 22.80
C MET D 222 3.22 9.70 24.03
N TYR D 223 4.36 9.03 23.83
CA TYR D 223 5.09 8.52 24.99
C TYR D 223 5.68 9.66 25.83
N CYS D 224 6.22 10.69 25.18
CA CYS D 224 6.77 11.81 25.92
C CYS D 224 5.68 12.52 26.72
N LEU D 225 4.56 12.85 26.07
CA LEU D 225 3.49 13.55 26.76
C LEU D 225 2.75 12.61 27.73
N PHE D 226 2.88 11.30 27.53
CA PHE D 226 2.43 10.37 28.56
C PHE D 226 3.25 10.53 29.83
N GLU D 227 4.57 10.71 29.69
CA GLU D 227 5.44 10.87 30.84
C GLU D 227 5.13 12.16 31.58
N ILE D 228 4.85 13.24 30.85
CA ILE D 228 4.48 14.49 31.51
C ILE D 228 3.14 14.35 32.22
N GLY D 229 2.23 13.56 31.65
CA GLY D 229 0.94 13.34 32.30
C GLY D 229 1.08 12.64 33.64
N VAL D 230 2.00 11.68 33.73
CA VAL D 230 2.26 11.02 35.00
C VAL D 230 2.86 12.00 36.01
N PHE D 231 3.68 12.94 35.54
CA PHE D 231 4.31 13.89 36.46
C PHE D 231 3.28 14.76 37.15
N PHE D 232 2.30 15.27 36.40
CA PHE D 232 1.25 16.08 37.02
C PHE D 232 0.27 15.24 37.82
N SER D 233 0.25 13.93 37.61
CA SER D 233 -0.60 13.06 38.42
C SER D 233 -0.14 13.06 39.88
N ARG D 234 1.15 13.31 40.11
CA ARG D 234 1.64 13.45 41.48
C ARG D 234 1.00 14.66 42.17
N PHE D 235 0.85 15.76 41.44
CA PHE D 235 0.29 16.99 42.00
C PHE D 235 -1.24 16.97 41.89
N TYR D 236 -1.83 15.93 42.47
CA TYR D 236 -3.28 15.78 42.47
C TYR D 236 -3.73 14.80 43.54
N ASP E 5 -18.49 -29.12 -25.12
CA ASP E 5 -17.32 -29.88 -25.53
C ASP E 5 -16.19 -29.75 -24.50
N THR E 6 -16.16 -30.69 -23.56
CA THR E 6 -15.13 -30.66 -22.53
C THR E 6 -13.76 -30.98 -23.12
N GLN E 7 -12.75 -30.26 -22.65
CA GLN E 7 -11.38 -30.41 -23.11
CA GLN E 7 -11.38 -30.41 -23.11
C GLN E 7 -10.45 -30.44 -21.91
N PRO E 8 -9.28 -31.06 -22.04
CA PRO E 8 -8.32 -31.04 -20.94
C PRO E 8 -7.81 -29.63 -20.67
N LEU E 9 -7.25 -29.48 -19.47
CA LEU E 9 -6.77 -28.16 -19.04
C LEU E 9 -5.66 -27.65 -19.93
N ILE E 10 -4.76 -28.53 -20.35
CA ILE E 10 -3.63 -28.11 -21.19
C ILE E 10 -4.11 -27.56 -22.52
N THR E 11 -5.23 -28.09 -23.04
CA THR E 11 -5.76 -27.58 -24.30
C THR E 11 -6.17 -26.12 -24.17
N HIS E 12 -6.81 -25.75 -23.06
CA HIS E 12 -7.13 -24.36 -22.82
C HIS E 12 -5.88 -23.53 -22.56
N LEU E 13 -4.88 -24.11 -21.91
CA LEU E 13 -3.63 -23.39 -21.65
C LEU E 13 -2.76 -23.29 -22.90
N ILE E 14 -2.81 -24.30 -23.78
CA ILE E 14 -2.11 -24.19 -25.06
C ILE E 14 -2.69 -23.06 -25.89
N GLU E 15 -4.02 -22.97 -25.94
CA GLU E 15 -4.67 -21.91 -26.69
C GLU E 15 -4.43 -20.53 -26.07
N LEU E 16 -4.52 -20.43 -24.74
CA LEU E 16 -4.29 -19.16 -24.07
C LEU E 16 -2.85 -18.69 -24.26
N ARG E 17 -1.89 -19.61 -24.20
CA ARG E 17 -0.49 -19.25 -24.43
C ARG E 17 -0.29 -18.74 -25.85
N LYS E 18 -0.93 -19.38 -26.83
CA LYS E 18 -0.82 -18.93 -28.21
C LYS E 18 -1.40 -17.53 -28.39
N ARG E 19 -2.56 -17.27 -27.78
CA ARG E 19 -3.17 -15.95 -27.90
C ARG E 19 -2.39 -14.91 -27.10
N LEU E 20 -1.79 -15.31 -25.98
CA LEU E 20 -0.97 -14.37 -25.21
C LEU E 20 0.28 -13.97 -25.98
N LEU E 21 0.87 -14.92 -26.70
CA LEU E 21 2.07 -14.62 -27.49
C LEU E 21 1.78 -13.61 -28.58
N ASN E 22 0.63 -13.73 -29.25
CA ASN E 22 0.25 -12.79 -30.29
C ASN E 22 0.08 -11.39 -29.73
N CYS E 23 -0.52 -11.28 -28.54
CA CYS E 23 -0.62 -9.98 -27.88
C CYS E 23 0.74 -9.42 -27.52
N ILE E 24 1.62 -10.27 -26.97
CA ILE E 24 2.96 -9.82 -26.58
C ILE E 24 3.77 -9.40 -27.80
N ILE E 25 3.70 -10.19 -28.88
CA ILE E 25 4.45 -9.86 -30.08
C ILE E 25 3.98 -8.52 -30.65
N ALA E 26 2.67 -8.30 -30.69
CA ALA E 26 2.14 -7.06 -31.24
C ALA E 26 2.59 -5.85 -30.42
N VAL E 27 2.57 -5.96 -29.10
CA VAL E 27 2.98 -4.84 -28.25
C VAL E 27 4.46 -4.56 -28.44
N ILE E 28 5.29 -5.59 -28.45
CA ILE E 28 6.74 -5.39 -28.54
C ILE E 28 7.12 -4.77 -29.89
N VAL E 29 6.54 -5.26 -30.98
CA VAL E 29 6.86 -4.74 -32.30
C VAL E 29 6.50 -3.26 -32.40
N ILE E 30 5.32 -2.88 -31.88
CA ILE E 30 4.93 -1.49 -31.85
C ILE E 30 5.87 -0.69 -30.96
N PHE E 31 6.24 -1.27 -29.81
CA PHE E 31 7.14 -0.58 -28.88
C PHE E 31 8.51 -0.36 -29.51
N LEU E 32 9.04 -1.37 -30.21
CA LEU E 32 10.34 -1.22 -30.85
C LEU E 32 10.30 -0.15 -31.94
N CYS E 33 9.20 -0.09 -32.70
CA CYS E 33 9.04 0.94 -33.72
C CYS E 33 8.77 2.31 -33.14
N LEU E 34 8.49 2.41 -31.83
CA LEU E 34 8.13 3.67 -31.21
C LEU E 34 9.11 4.13 -30.13
N VAL E 35 9.96 3.25 -29.62
CA VAL E 35 10.82 3.61 -28.49
C VAL E 35 11.87 4.64 -28.91
N TYR E 36 12.21 4.68 -30.20
CA TYR E 36 13.18 5.68 -30.66
C TYR E 36 12.60 7.08 -30.60
N PHE E 37 11.29 7.22 -30.79
CA PHE E 37 10.61 8.51 -30.73
C PHE E 37 9.95 8.76 -29.38
N ALA E 38 10.51 8.21 -28.31
CA ALA E 38 9.88 8.34 -27.00
C ALA E 38 9.81 9.78 -26.54
N ASN E 39 10.88 10.55 -26.78
CA ASN E 39 10.87 11.96 -26.42
C ASN E 39 9.91 12.76 -27.30
N ASP E 40 9.86 12.43 -28.59
CA ASP E 40 8.92 13.10 -29.48
C ASP E 40 7.48 12.78 -29.13
N ILE E 41 7.21 11.54 -28.72
CA ILE E 41 5.88 11.17 -28.27
C ILE E 41 5.52 11.93 -26.99
N TYR E 42 6.47 12.07 -26.08
CA TYR E 42 6.21 12.82 -24.85
C TYR E 42 5.98 14.29 -25.14
N HIS E 43 6.63 14.83 -26.17
CA HIS E 43 6.39 16.22 -26.53
CA HIS E 43 6.39 16.23 -26.54
C HIS E 43 4.94 16.44 -26.95
N LEU E 44 4.38 15.50 -27.71
CA LEU E 44 2.99 15.59 -28.12
C LEU E 44 2.04 15.53 -26.92
N VAL E 45 2.32 14.62 -25.98
CA VAL E 45 1.44 14.46 -24.83
C VAL E 45 1.53 15.66 -23.91
N SER E 46 2.73 16.20 -23.73
CA SER E 46 2.94 17.36 -22.85
C SER E 46 2.68 18.69 -23.55
N ALA E 47 2.35 18.67 -24.84
CA ALA E 47 2.08 19.91 -25.55
C ALA E 47 0.91 20.71 -24.96
N PRO E 48 -0.24 20.12 -24.61
CA PRO E 48 -1.31 20.93 -24.00
C PRO E 48 -0.88 21.62 -22.71
N LEU E 49 -0.04 20.99 -21.90
CA LEU E 49 0.38 21.60 -20.64
C LEU E 49 1.38 22.72 -20.88
N ILE E 50 2.34 22.51 -21.80
CA ILE E 50 3.36 23.51 -22.06
C ILE E 50 2.73 24.79 -22.58
N LYS E 51 1.72 24.67 -23.44
CA LYS E 51 1.05 25.84 -23.99
C LYS E 51 0.33 26.65 -22.92
N GLN E 52 -0.06 26.04 -21.81
CA GLN E 52 -0.82 26.70 -20.77
C GLN E 52 0.00 27.01 -19.52
N LEU E 53 1.27 26.64 -19.49
CA LEU E 53 2.09 26.93 -18.32
C LEU E 53 2.34 28.43 -18.20
N PRO E 54 2.44 28.94 -16.98
CA PRO E 54 2.70 30.37 -16.80
C PRO E 54 4.11 30.75 -17.23
N GLN E 55 4.31 32.04 -17.45
CA GLN E 55 5.62 32.55 -17.81
C GLN E 55 6.64 32.21 -16.73
N GLY E 56 7.79 31.70 -17.15
CA GLY E 56 8.82 31.28 -16.24
C GLY E 56 8.66 29.90 -15.65
N SER E 57 7.62 29.17 -16.03
CA SER E 57 7.36 27.83 -15.52
C SER E 57 7.70 26.79 -16.58
N THR E 58 8.24 25.67 -16.14
CA THR E 58 8.61 24.59 -17.06
C THR E 58 8.49 23.25 -16.33
N MET E 59 8.44 22.19 -17.13
CA MET E 59 8.40 20.84 -16.57
C MET E 59 9.74 20.47 -15.97
N ILE E 60 9.68 19.66 -14.90
CA ILE E 60 10.87 19.21 -14.19
C ILE E 60 10.82 17.69 -14.08
N ALA E 61 11.97 17.12 -13.73
CA ALA E 61 12.11 15.69 -13.48
C ALA E 61 12.71 15.51 -12.09
N THR E 62 11.88 15.11 -11.13
CA THR E 62 12.31 14.96 -9.75
C THR E 62 12.96 13.62 -9.44
N ASP E 63 12.90 12.67 -10.37
CA ASP E 63 13.49 11.35 -10.18
C ASP E 63 14.69 11.20 -11.10
N VAL E 64 15.69 10.46 -10.63
CA VAL E 64 16.93 10.28 -11.40
C VAL E 64 16.64 9.54 -12.70
N ALA E 65 15.83 8.49 -12.64
CA ALA E 65 15.50 7.68 -13.80
C ALA E 65 14.30 8.21 -14.57
N SER E 66 13.62 9.23 -14.06
CA SER E 66 12.47 9.80 -14.75
C SER E 66 12.78 10.32 -16.16
N PRO E 67 13.87 11.03 -16.42
CA PRO E 67 14.10 11.56 -17.78
C PRO E 67 14.15 10.48 -18.86
N PHE E 68 14.48 9.24 -18.51
CA PHE E 68 14.53 8.16 -19.49
C PHE E 68 13.32 7.23 -19.41
N PHE E 69 12.95 6.80 -18.22
CA PHE E 69 11.92 5.77 -18.07
C PHE E 69 10.50 6.31 -18.08
N THR E 70 10.31 7.63 -17.99
CA THR E 70 8.96 8.18 -18.12
C THR E 70 8.54 8.24 -19.59
N PRO E 71 9.39 8.71 -20.51
CA PRO E 71 9.06 8.54 -21.93
C PRO E 71 8.94 7.08 -22.35
N ILE E 72 9.75 6.20 -21.77
CA ILE E 72 9.67 4.78 -22.10
C ILE E 72 8.37 4.18 -21.59
N LYS E 73 7.93 4.59 -20.40
CA LYS E 73 6.65 4.13 -19.88
C LYS E 73 5.49 4.61 -20.74
N LEU E 74 5.58 5.85 -21.25
CA LEU E 74 4.50 6.38 -22.07
C LEU E 74 4.44 5.66 -23.41
N THR E 75 5.57 5.49 -24.10
CA THR E 75 5.56 4.82 -25.38
C THR E 75 5.19 3.35 -25.26
N PHE E 76 5.37 2.75 -24.09
CA PHE E 76 4.88 1.39 -23.88
C PHE E 76 3.36 1.38 -23.72
N MET E 77 2.81 2.37 -23.02
CA MET E 77 1.36 2.47 -22.88
C MET E 77 0.70 2.78 -24.22
N VAL E 78 1.35 3.61 -25.04
CA VAL E 78 0.85 3.86 -26.40
C VAL E 78 0.87 2.56 -27.20
N SER E 79 1.89 1.72 -26.99
CA SER E 79 1.94 0.43 -27.67
C SER E 79 0.77 -0.45 -27.27
N LEU E 80 0.42 -0.46 -25.99
CA LEU E 80 -0.74 -1.22 -25.54
C LEU E 80 -2.03 -0.69 -26.16
N ILE E 81 -2.17 0.63 -26.22
CA ILE E 81 -3.37 1.23 -26.80
C ILE E 81 -3.46 0.93 -28.29
N LEU E 82 -2.35 1.09 -29.02
CA LEU E 82 -2.37 0.82 -30.45
C LEU E 82 -2.52 -0.66 -30.76
N SER E 83 -2.22 -1.53 -29.81
CA SER E 83 -2.40 -2.97 -29.99
C SER E 83 -3.73 -3.47 -29.45
N ALA E 84 -4.59 -2.58 -28.97
CA ALA E 84 -5.89 -3.00 -28.46
C ALA E 84 -6.74 -3.77 -29.46
N PRO E 85 -6.83 -3.38 -30.74
CA PRO E 85 -7.57 -4.22 -31.70
C PRO E 85 -7.02 -5.64 -31.81
N VAL E 86 -5.70 -5.80 -31.74
CA VAL E 86 -5.12 -7.13 -31.77
C VAL E 86 -5.41 -7.87 -30.48
N ILE E 87 -5.26 -7.21 -29.33
CA ILE E 87 -5.52 -7.84 -28.05
C ILE E 87 -6.99 -8.23 -27.93
N LEU E 88 -7.89 -7.34 -28.36
CA LEU E 88 -9.32 -7.63 -28.25
C LEU E 88 -9.71 -8.80 -29.14
N TYR E 89 -9.12 -8.91 -30.33
CA TYR E 89 -9.39 -10.05 -31.18
C TYR E 89 -8.93 -11.36 -30.55
N GLN E 90 -7.74 -11.36 -29.95
CA GLN E 90 -7.25 -12.56 -29.28
C GLN E 90 -8.12 -12.91 -28.08
N VAL E 91 -8.57 -11.89 -27.34
CA VAL E 91 -9.53 -12.14 -26.26
C VAL E 91 -10.83 -12.69 -26.83
N TRP E 92 -11.30 -12.12 -27.94
CA TRP E 92 -12.53 -12.60 -28.57
C TRP E 92 -12.38 -14.04 -29.04
N ALA E 93 -11.26 -14.36 -29.68
CA ALA E 93 -11.05 -15.71 -30.21
C ALA E 93 -10.88 -16.76 -29.13
N PHE E 94 -10.46 -16.36 -27.92
CA PHE E 94 -10.34 -17.29 -26.81
C PHE E 94 -11.65 -17.51 -26.07
N ILE E 95 -12.56 -16.53 -26.09
CA ILE E 95 -13.83 -16.63 -25.40
C ILE E 95 -14.99 -16.91 -26.34
N ALA E 96 -14.73 -17.02 -27.64
CA ALA E 96 -15.82 -17.27 -28.59
C ALA E 96 -16.55 -18.58 -28.34
N PRO E 97 -15.88 -19.72 -28.14
CA PRO E 97 -16.64 -20.95 -27.83
C PRO E 97 -17.45 -20.87 -26.54
N ALA E 98 -16.97 -20.10 -25.55
CA ALA E 98 -17.69 -19.99 -24.29
C ALA E 98 -19.05 -19.32 -24.47
N LEU E 99 -19.12 -18.29 -25.30
CA LEU E 99 -20.33 -17.51 -25.45
C LEU E 99 -21.40 -18.30 -26.18
N TYR E 100 -22.65 -18.15 -25.73
CA TYR E 100 -23.79 -18.71 -26.42
C TYR E 100 -24.20 -17.78 -27.58
N LYS E 101 -25.19 -18.22 -28.36
CA LYS E 101 -25.63 -17.42 -29.50
C LYS E 101 -26.24 -16.10 -29.04
N HIS E 102 -27.04 -16.13 -27.97
CA HIS E 102 -27.64 -14.90 -27.46
C HIS E 102 -26.61 -14.00 -26.80
N GLU E 103 -25.59 -14.58 -26.15
CA GLU E 103 -24.52 -13.78 -25.59
C GLU E 103 -23.57 -13.25 -26.66
N ARG E 104 -23.47 -13.95 -27.80
CA ARG E 104 -22.64 -13.47 -28.89
C ARG E 104 -23.22 -12.20 -29.52
N ARG E 105 -24.54 -12.03 -29.45
CA ARG E 105 -25.19 -10.85 -30.01
C ARG E 105 -24.95 -9.60 -29.19
N LEU E 106 -24.36 -9.73 -28.01
CA LEU E 106 -23.97 -8.61 -27.16
C LEU E 106 -22.47 -8.33 -27.17
N VAL E 107 -21.65 -9.37 -27.07
CA VAL E 107 -20.22 -9.15 -26.89
C VAL E 107 -19.59 -8.57 -28.15
N VAL E 108 -20.03 -9.04 -29.32
CA VAL E 108 -19.52 -8.49 -30.57
C VAL E 108 -19.85 -7.00 -30.72
N PRO E 109 -21.10 -6.55 -30.55
CA PRO E 109 -21.34 -5.09 -30.61
C PRO E 109 -20.60 -4.31 -29.54
N LEU E 110 -20.48 -4.86 -28.33
CA LEU E 110 -19.73 -4.16 -27.29
C LEU E 110 -18.24 -4.08 -27.61
N LEU E 111 -17.67 -5.16 -28.14
CA LEU E 111 -16.24 -5.17 -28.44
C LEU E 111 -15.89 -4.19 -29.55
N VAL E 112 -16.71 -4.14 -30.61
CA VAL E 112 -16.43 -3.22 -31.71
C VAL E 112 -16.67 -1.78 -31.29
N SER E 113 -17.78 -1.52 -30.59
CA SER E 113 -18.11 -0.15 -30.20
C SER E 113 -17.16 0.37 -29.13
N SER E 114 -16.69 -0.50 -28.22
CA SER E 114 -15.77 -0.05 -27.18
C SER E 114 -14.46 0.45 -27.78
N SER E 115 -13.97 -0.22 -28.82
CA SER E 115 -12.69 0.17 -29.42
C SER E 115 -12.74 1.59 -29.97
N LEU E 116 -13.82 1.93 -30.69
CA LEU E 116 -13.92 3.26 -31.27
C LEU E 116 -14.18 4.31 -30.19
N LEU E 117 -15.07 4.02 -29.25
CA LEU E 117 -15.39 5.00 -28.21
C LEU E 117 -14.21 5.25 -27.29
N PHE E 118 -13.41 4.22 -27.00
CA PHE E 118 -12.24 4.40 -26.17
C PHE E 118 -11.23 5.32 -26.84
N TYR E 119 -11.05 5.17 -28.16
CA TYR E 119 -10.17 6.09 -28.89
C TYR E 119 -10.77 7.49 -28.97
N ILE E 120 -12.09 7.59 -29.16
CA ILE E 120 -12.74 8.90 -29.20
C ILE E 120 -12.65 9.58 -27.85
N GLY E 121 -12.71 8.82 -26.75
CA GLY E 121 -12.51 9.40 -25.44
C GLY E 121 -11.15 10.04 -25.28
N MET E 122 -10.10 9.39 -25.80
CA MET E 122 -8.77 9.99 -25.79
C MET E 122 -8.71 11.24 -26.66
N ALA E 123 -9.30 11.18 -27.86
CA ALA E 123 -9.31 12.35 -28.73
C ALA E 123 -10.08 13.49 -28.11
N PHE E 124 -11.21 13.19 -27.47
CA PHE E 124 -11.98 14.22 -26.77
C PHE E 124 -11.19 14.78 -25.59
N ALA E 125 -10.52 13.91 -24.82
CA ALA E 125 -9.74 14.38 -23.69
C ALA E 125 -8.55 15.21 -24.13
N TYR E 126 -7.86 14.79 -25.19
CA TYR E 126 -6.66 15.48 -25.63
C TYR E 126 -6.99 16.82 -26.29
N PHE E 127 -7.99 16.84 -27.17
CA PHE E 127 -8.26 18.01 -27.99
C PHE E 127 -9.26 18.97 -27.37
N VAL E 128 -9.96 18.59 -26.31
CA VAL E 128 -10.97 19.46 -25.71
C VAL E 128 -10.69 19.63 -24.22
N VAL E 129 -10.62 18.51 -23.49
CA VAL E 129 -10.52 18.58 -22.03
C VAL E 129 -9.14 19.10 -21.62
N PHE E 130 -8.08 18.60 -22.23
CA PHE E 130 -6.73 18.99 -21.82
C PHE E 130 -6.46 20.48 -21.99
N PRO E 131 -6.75 21.12 -23.13
CA PRO E 131 -6.53 22.58 -23.20
C PRO E 131 -7.35 23.36 -22.18
N LEU E 132 -8.58 22.93 -21.90
CA LEU E 132 -9.42 23.65 -20.95
C LEU E 132 -8.97 23.42 -19.52
N ALA E 133 -8.63 22.18 -19.16
CA ALA E 133 -8.24 21.88 -17.79
C ALA E 133 -6.86 22.44 -17.47
N PHE E 134 -5.90 22.25 -18.37
CA PHE E 134 -4.54 22.71 -18.11
C PHE E 134 -4.46 24.23 -18.10
N GLY E 135 -5.31 24.91 -18.87
CA GLY E 135 -5.33 26.37 -18.84
C GLY E 135 -5.87 26.93 -17.55
N PHE E 136 -6.60 26.13 -16.79
CA PHE E 136 -7.15 26.53 -15.50
C PHE E 136 -6.28 26.07 -14.33
N LEU E 137 -5.87 24.80 -14.34
CA LEU E 137 -5.08 24.26 -13.23
C LEU E 137 -3.72 24.94 -13.12
N ALA E 138 -3.07 25.20 -14.25
CA ALA E 138 -1.74 25.77 -14.22
C ALA E 138 -1.73 27.24 -13.82
N ASN E 139 -2.87 27.92 -13.88
CA ASN E 139 -2.94 29.35 -13.60
C ASN E 139 -3.78 29.65 -12.36
N THR E 140 -4.05 28.65 -11.53
CA THR E 140 -4.81 28.84 -10.29
C THR E 140 -3.95 28.60 -9.05
N ALA E 141 -2.63 28.58 -9.22
CA ALA E 141 -1.73 28.34 -8.10
C ALA E 141 -1.75 29.52 -7.13
N PRO E 142 -1.53 29.27 -5.85
CA PRO E 142 -1.46 30.38 -4.88
C PRO E 142 -0.27 31.27 -5.17
N GLU E 143 -0.37 32.52 -4.70
CA GLU E 143 0.70 33.49 -4.91
C GLU E 143 2.00 32.99 -4.29
N GLY E 144 3.10 33.16 -5.03
CA GLY E 144 4.39 32.70 -4.60
C GLY E 144 4.68 31.24 -4.88
N VAL E 145 3.77 30.51 -5.51
CA VAL E 145 3.95 29.11 -5.84
C VAL E 145 4.32 29.01 -7.31
N GLN E 146 5.45 28.36 -7.58
CA GLN E 146 5.94 28.20 -8.95
C GLN E 146 5.50 26.84 -9.48
N VAL E 147 4.72 26.84 -10.55
CA VAL E 147 4.21 25.61 -11.13
C VAL E 147 5.33 24.89 -11.85
N SER E 148 5.87 23.84 -11.24
CA SER E 148 6.95 23.04 -11.81
C SER E 148 6.45 21.59 -11.88
N THR E 149 5.77 21.27 -12.97
CA THR E 149 5.11 19.97 -13.08
C THR E 149 6.14 18.88 -13.36
N ASP E 150 6.07 17.80 -12.58
CA ASP E 150 6.96 16.67 -12.77
C ASP E 150 6.48 15.82 -13.94
N ILE E 151 7.42 15.35 -14.75
CA ILE E 151 7.06 14.54 -15.92
C ILE E 151 6.49 13.20 -15.48
N ALA E 152 6.98 12.63 -14.39
CA ALA E 152 6.45 11.36 -13.90
C ALA E 152 5.01 11.52 -13.41
N SER E 153 4.74 12.59 -12.66
CA SER E 153 3.39 12.82 -12.16
C SER E 153 2.43 13.22 -13.28
N TYR E 154 2.93 13.96 -14.28
CA TYR E 154 2.07 14.36 -15.39
C TYR E 154 1.60 13.14 -16.18
N LEU E 155 2.47 12.16 -16.38
CA LEU E 155 2.09 10.96 -17.11
C LEU E 155 0.99 10.19 -16.39
N SER E 156 1.10 10.09 -15.06
CA SER E 156 0.06 9.40 -14.29
C SER E 156 -1.27 10.14 -14.40
N PHE E 157 -1.24 11.46 -14.31
CA PHE E 157 -2.47 12.24 -14.44
C PHE E 157 -3.07 12.11 -15.84
N VAL E 158 -2.23 12.17 -16.86
CA VAL E 158 -2.73 12.07 -18.24
C VAL E 158 -3.29 10.68 -18.51
N MET E 159 -2.58 9.64 -18.06
CA MET E 159 -3.07 8.28 -18.27
C MET E 159 -4.37 8.04 -17.51
N ALA E 160 -4.47 8.57 -16.30
CA ALA E 160 -5.70 8.41 -15.53
C ALA E 160 -6.89 9.07 -16.22
N LEU E 161 -6.68 10.25 -16.79
CA LEU E 161 -7.76 10.93 -17.49
C LEU E 161 -8.10 10.25 -18.80
N PHE E 162 -7.08 9.74 -19.51
CA PHE E 162 -7.34 9.05 -20.77
C PHE E 162 -8.16 7.79 -20.56
N MET E 163 -7.82 7.00 -19.55
CA MET E 163 -8.60 5.80 -19.24
C MET E 163 -10.00 6.17 -18.78
N ALA E 164 -10.12 7.22 -17.95
CA ALA E 164 -11.43 7.61 -17.42
C ALA E 164 -12.36 8.04 -18.54
N PHE E 165 -11.87 8.82 -19.50
CA PHE E 165 -12.73 9.27 -20.59
C PHE E 165 -13.02 8.15 -21.58
N GLY E 166 -12.04 7.28 -21.84
CA GLY E 166 -12.29 6.15 -22.72
C GLY E 166 -13.31 5.18 -22.16
N VAL E 167 -13.21 4.86 -20.87
CA VAL E 167 -14.15 3.93 -20.25
C VAL E 167 -15.53 4.57 -20.12
N SER E 168 -15.58 5.83 -19.69
CA SER E 168 -16.87 6.49 -19.49
C SER E 168 -17.61 6.71 -20.79
N PHE E 169 -16.88 6.86 -21.90
CA PHE E 169 -17.54 7.04 -23.20
C PHE E 169 -18.32 5.79 -23.60
N GLU E 170 -17.87 4.62 -23.15
CA GLU E 170 -18.56 3.37 -23.49
C GLU E 170 -19.83 3.17 -22.66
N VAL E 171 -19.95 3.86 -21.51
CA VAL E 171 -21.09 3.63 -20.62
C VAL E 171 -22.42 3.95 -21.28
N PRO E 172 -22.61 5.12 -21.92
CA PRO E 172 -23.95 5.39 -22.51
C PRO E 172 -24.31 4.43 -23.62
N VAL E 173 -23.40 4.16 -24.55
CA VAL E 173 -23.71 3.27 -25.67
C VAL E 173 -24.00 1.86 -25.16
N ALA E 174 -23.26 1.41 -24.15
CA ALA E 174 -23.56 0.13 -23.53
C ALA E 174 -24.96 0.11 -22.93
N ILE E 175 -25.36 1.21 -22.29
CA ILE E 175 -26.71 1.30 -21.71
C ILE E 175 -27.76 1.26 -22.81
N VAL E 176 -27.55 2.00 -23.90
CA VAL E 176 -28.52 2.04 -24.98
C VAL E 176 -28.59 0.68 -25.67
N LEU E 177 -27.45 0.01 -25.84
CA LEU E 177 -27.45 -1.32 -26.44
C LEU E 177 -28.20 -2.31 -25.56
N LEU E 178 -28.03 -2.23 -24.24
CA LEU E 178 -28.79 -3.09 -23.33
C LEU E 178 -30.28 -2.77 -23.41
N CYS E 179 -30.63 -1.49 -23.51
CA CYS E 179 -32.04 -1.13 -23.67
C CYS E 179 -32.60 -1.58 -25.01
N TRP E 180 -31.76 -1.61 -26.06
CA TRP E 180 -32.24 -1.98 -27.38
C TRP E 180 -32.64 -3.46 -27.45
N MET E 181 -31.82 -4.36 -26.89
CA MET E 181 -32.22 -5.75 -26.90
C MET E 181 -33.35 -6.03 -25.92
N GLY E 182 -33.42 -5.28 -24.82
CA GLY E 182 -34.39 -5.54 -23.78
C GLY E 182 -33.85 -6.19 -22.53
N ILE E 183 -32.53 -6.21 -22.34
CA ILE E 183 -31.96 -6.66 -21.08
C ILE E 183 -32.41 -5.73 -19.95
N THR E 184 -32.35 -4.44 -20.19
CA THR E 184 -32.74 -3.44 -19.20
C THR E 184 -33.64 -2.40 -19.86
N SER E 185 -34.48 -1.78 -19.04
CA SER E 185 -35.41 -0.78 -19.48
C SER E 185 -35.10 0.55 -18.81
N PRO E 186 -35.43 1.68 -19.46
CA PRO E 186 -35.21 2.98 -18.80
C PRO E 186 -35.95 3.11 -17.47
N GLU E 187 -37.12 2.49 -17.34
CA GLU E 187 -37.83 2.52 -16.07
C GLU E 187 -37.05 1.79 -14.98
N ASP E 188 -36.46 0.64 -15.32
CA ASP E 188 -35.69 -0.11 -14.34
C ASP E 188 -34.37 0.59 -14.00
N LEU E 189 -33.79 1.32 -14.95
CA LEU E 189 -32.55 2.02 -14.68
C LEU E 189 -32.76 3.22 -13.77
N ARG E 190 -33.96 3.80 -13.79
CA ARG E 190 -34.25 4.95 -12.93
C ARG E 190 -34.44 4.54 -11.48
N LYS E 191 -35.03 3.37 -11.23
CA LYS E 191 -35.21 2.91 -9.86
C LYS E 191 -33.96 2.24 -9.30
N LYS E 192 -32.94 2.00 -10.13
CA LYS E 192 -31.65 1.52 -9.68
C LYS E 192 -30.64 2.66 -9.53
N ARG E 193 -31.10 3.90 -9.57
CA ARG E 193 -30.21 5.05 -9.47
C ARG E 193 -29.44 5.10 -8.16
N PRO E 194 -30.06 4.91 -6.98
CA PRO E 194 -29.26 4.97 -5.74
C PRO E 194 -28.16 3.93 -5.67
N TYR E 195 -28.38 2.75 -6.24
CA TYR E 195 -27.38 1.69 -6.15
C TYR E 195 -26.17 1.98 -7.03
N VAL E 196 -26.40 2.55 -8.22
CA VAL E 196 -25.30 2.89 -9.10
C VAL E 196 -24.44 4.01 -8.50
N LEU E 197 -25.08 4.97 -7.83
CA LEU E 197 -24.33 6.04 -7.18
C LEU E 197 -23.41 5.50 -6.10
N VAL E 198 -23.93 4.60 -5.26
CA VAL E 198 -23.09 3.96 -4.25
C VAL E 198 -22.11 3.00 -4.92
N GLY E 199 -22.57 2.27 -5.94
CA GLY E 199 -21.70 1.35 -6.64
C GLY E 199 -20.55 2.03 -7.36
N ALA E 200 -20.78 3.26 -7.86
CA ALA E 200 -19.71 3.99 -8.52
C ALA E 200 -18.57 4.30 -7.55
N PHE E 201 -18.90 4.64 -6.30
CA PHE E 201 -17.88 4.85 -5.30
C PHE E 201 -17.15 3.56 -4.96
N VAL E 202 -17.85 2.43 -4.96
CA VAL E 202 -17.20 1.14 -4.71
C VAL E 202 -16.22 0.80 -5.84
N VAL E 203 -16.65 0.99 -7.09
CA VAL E 203 -15.79 0.70 -8.23
C VAL E 203 -14.57 1.61 -8.22
N GLY E 204 -14.77 2.90 -7.93
CA GLY E 204 -13.66 3.82 -7.85
C GLY E 204 -12.69 3.46 -6.74
N MET E 205 -13.20 2.97 -5.62
CA MET E 205 -12.34 2.59 -4.50
C MET E 205 -11.43 1.43 -4.86
N LEU E 206 -11.95 0.42 -5.57
CA LEU E 206 -11.18 -0.78 -5.84
C LEU E 206 -10.11 -0.54 -6.91
N LEU E 207 -10.45 0.19 -7.96
CA LEU E 207 -9.58 0.33 -9.12
C LEU E 207 -8.61 1.50 -9.02
N THR E 208 -8.60 2.22 -7.91
CA THR E 208 -7.75 3.38 -7.74
C THR E 208 -6.98 3.27 -6.43
N PRO E 209 -5.87 3.98 -6.30
CA PRO E 209 -5.15 4.03 -5.02
C PRO E 209 -6.04 4.57 -3.92
N PRO E 210 -5.67 4.36 -2.65
CA PRO E 210 -6.58 4.72 -1.54
C PRO E 210 -6.87 6.21 -1.42
N ASP E 211 -6.34 7.05 -2.30
CA ASP E 211 -6.68 8.47 -2.27
C ASP E 211 -8.13 8.68 -2.71
N VAL E 212 -8.85 9.52 -1.96
CA VAL E 212 -10.24 9.82 -2.31
C VAL E 212 -10.30 10.56 -3.63
N PHE E 213 -9.28 11.35 -3.96
CA PHE E 213 -9.26 12.10 -5.21
C PHE E 213 -9.37 11.17 -6.41
N SER E 214 -8.61 10.06 -6.40
CA SER E 214 -8.69 9.10 -7.49
C SER E 214 -10.03 8.37 -7.48
N GLN E 215 -10.62 8.16 -6.31
CA GLN E 215 -11.93 7.51 -6.24
C GLN E 215 -12.99 8.36 -6.91
N THR E 216 -13.00 9.66 -6.64
CA THR E 216 -14.01 10.54 -7.21
C THR E 216 -13.75 10.81 -8.68
N LEU E 217 -12.47 10.86 -9.09
CA LEU E 217 -12.15 11.12 -10.49
C LEU E 217 -12.67 10.03 -11.41
N LEU E 218 -12.87 8.82 -10.87
CA LEU E 218 -13.45 7.74 -11.67
C LEU E 218 -14.95 7.62 -11.43
N ALA E 219 -15.40 7.92 -10.22
CA ALA E 219 -16.81 7.72 -9.87
C ALA E 219 -17.71 8.74 -10.57
N ILE E 220 -17.35 10.02 -10.50
CA ILE E 220 -18.22 11.06 -11.06
C ILE E 220 -18.41 10.91 -12.56
N PRO E 221 -17.36 10.72 -13.38
CA PRO E 221 -17.61 10.40 -14.79
C PRO E 221 -18.43 9.14 -14.99
N MET E 222 -18.22 8.13 -14.13
CA MET E 222 -18.99 6.89 -14.29
C MET E 222 -20.47 7.11 -13.99
N TYR E 223 -20.78 7.83 -12.91
CA TYR E 223 -22.19 8.05 -12.57
C TYR E 223 -22.83 9.07 -13.51
N CYS E 224 -22.11 10.14 -13.84
CA CYS E 224 -22.68 11.15 -14.72
C CYS E 224 -22.96 10.59 -16.11
N LEU E 225 -21.99 9.85 -16.67
CA LEU E 225 -22.19 9.24 -17.99
C LEU E 225 -23.29 8.19 -17.94
N PHE E 226 -23.50 7.57 -16.79
CA PHE E 226 -24.65 6.68 -16.62
C PHE E 226 -25.96 7.45 -16.75
N GLU E 227 -26.01 8.65 -16.19
CA GLU E 227 -27.23 9.46 -16.26
C GLU E 227 -27.54 9.86 -17.69
N ILE E 228 -26.52 10.23 -18.47
CA ILE E 228 -26.75 10.57 -19.87
C ILE E 228 -27.19 9.35 -20.65
N GLY E 229 -26.68 8.17 -20.30
CA GLY E 229 -27.11 6.96 -20.98
C GLY E 229 -28.59 6.68 -20.81
N VAL E 230 -29.13 6.94 -19.61
CA VAL E 230 -30.56 6.78 -19.39
C VAL E 230 -31.35 7.80 -20.21
N PHE E 231 -30.77 8.97 -20.43
CA PHE E 231 -31.46 10.00 -21.22
C PHE E 231 -31.69 9.53 -22.65
N PHE E 232 -30.64 9.05 -23.32
CA PHE E 232 -30.80 8.53 -24.66
C PHE E 232 -31.59 7.23 -24.70
N SER E 233 -31.73 6.54 -23.56
CA SER E 233 -32.55 5.34 -23.52
C SER E 233 -34.02 5.67 -23.79
N ARG E 234 -34.44 6.88 -23.44
CA ARG E 234 -35.81 7.31 -23.75
C ARG E 234 -36.04 7.37 -25.25
N PHE E 235 -35.06 7.88 -25.99
CA PHE E 235 -35.19 8.06 -27.44
C PHE E 235 -34.73 6.81 -28.18
N TYR E 236 -35.39 5.69 -27.87
CA TYR E 236 -35.08 4.44 -28.52
C TYR E 236 -36.23 3.45 -28.37
N MET F 1 -8.07 -0.95 5.71
CA MET F 1 -7.08 -1.81 6.38
C MET F 1 -5.85 -1.02 6.78
N PHE F 2 -5.37 -1.26 8.01
CA PHE F 2 -4.17 -0.60 8.49
C PHE F 2 -2.96 -1.02 7.68
N ASP F 3 -2.11 -0.05 7.35
CA ASP F 3 -0.91 -0.29 6.55
C ASP F 3 0.25 -0.59 7.51
N ILE F 4 0.74 -1.83 7.47
CA ILE F 4 1.81 -2.29 8.34
C ILE F 4 3.00 -2.67 7.47
N GLY F 5 4.15 -2.07 7.75
CA GLY F 5 5.37 -2.37 7.04
C GLY F 5 6.22 -3.38 7.79
N PHE F 6 7.06 -4.10 7.03
CA PHE F 6 7.94 -5.08 7.66
C PHE F 6 8.95 -4.42 8.58
N SER F 7 9.48 -3.26 8.17
CA SER F 7 10.41 -2.53 9.03
C SER F 7 9.72 -2.04 10.29
N GLU F 8 8.48 -1.56 10.17
CA GLU F 8 7.75 -1.12 11.35
C GLU F 8 7.49 -2.27 12.32
N LEU F 9 7.09 -3.42 11.79
CA LEU F 9 6.82 -4.57 12.65
C LEU F 9 8.09 -5.08 13.33
N LEU F 10 9.20 -5.12 12.59
CA LEU F 10 10.46 -5.56 13.17
C LEU F 10 10.91 -4.61 14.29
N LEU F 11 10.71 -3.31 14.09
CA LEU F 11 11.07 -2.34 15.12
C LEU F 11 10.26 -2.56 16.40
N VAL F 12 8.97 -2.88 16.26
CA VAL F 12 8.14 -3.12 17.44
C VAL F 12 8.64 -4.33 18.21
N PHE F 13 8.96 -5.41 17.51
CA PHE F 13 9.46 -6.61 18.18
C PHE F 13 10.86 -6.40 18.73
N ILE F 14 11.70 -5.64 18.01
CA ILE F 14 13.04 -5.33 18.49
C ILE F 14 12.96 -4.48 19.76
N ILE F 15 12.11 -3.46 19.73
CA ILE F 15 11.94 -2.61 20.91
C ILE F 15 11.28 -3.41 22.04
N GLY F 16 10.29 -4.24 21.70
CA GLY F 16 9.62 -5.03 22.72
C GLY F 16 10.55 -6.01 23.40
N LEU F 17 11.45 -6.63 22.64
CA LEU F 17 12.40 -7.57 23.23
C LEU F 17 13.38 -6.87 24.17
N VAL F 18 13.86 -5.69 23.79
CA VAL F 18 14.86 -5.01 24.59
C VAL F 18 14.26 -4.21 25.75
N VAL F 19 12.96 -3.94 25.72
CA VAL F 19 12.31 -3.17 26.77
C VAL F 19 11.55 -4.10 27.69
N LEU F 20 10.58 -4.84 27.14
CA LEU F 20 9.79 -5.74 27.95
C LEU F 20 10.61 -6.91 28.46
N GLY F 21 11.44 -7.50 27.60
CA GLY F 21 12.32 -8.56 28.00
C GLY F 21 11.87 -9.93 27.54
N PRO F 22 12.70 -10.95 27.76
CA PRO F 22 12.34 -12.31 27.35
C PRO F 22 11.15 -12.87 28.09
N GLN F 23 10.81 -12.35 29.27
CA GLN F 23 9.74 -12.92 30.08
C GLN F 23 8.42 -12.18 29.94
N ARG F 24 8.43 -10.93 29.49
CA ARG F 24 7.21 -10.13 29.39
C ARG F 24 6.71 -9.98 27.95
N LEU F 25 7.61 -10.01 26.96
CA LEU F 25 7.17 -9.92 25.58
C LEU F 25 6.27 -11.07 25.16
N PRO F 26 6.58 -12.35 25.45
CA PRO F 26 5.63 -13.42 25.07
C PRO F 26 4.27 -13.26 25.70
N VAL F 27 4.19 -12.79 26.95
CA VAL F 27 2.90 -12.56 27.59
C VAL F 27 2.18 -11.39 26.93
N ALA F 28 2.92 -10.36 26.55
CA ALA F 28 2.31 -9.21 25.88
C ALA F 28 1.72 -9.60 24.54
N VAL F 29 2.45 -10.42 23.77
CA VAL F 29 1.93 -10.87 22.48
C VAL F 29 0.73 -11.79 22.68
N LYS F 30 0.79 -12.64 23.72
CA LYS F 30 -0.35 -13.50 24.02
C LYS F 30 -1.57 -12.69 24.40
N THR F 31 -1.38 -11.63 25.20
CA THR F 31 -2.50 -10.76 25.57
C THR F 31 -3.09 -10.05 24.36
N VAL F 32 -2.24 -9.53 23.49
CA VAL F 32 -2.72 -8.83 22.29
C VAL F 32 -3.48 -9.81 21.38
N ALA F 33 -3.00 -11.05 21.29
CA ALA F 33 -3.69 -12.05 20.49
C ALA F 33 -5.07 -12.33 21.04
N GLY F 34 -5.22 -12.37 22.37
CA GLY F 34 -6.52 -12.53 22.96
C GLY F 34 -7.46 -11.37 22.67
N TRP F 35 -6.91 -10.16 22.60
CA TRP F 35 -7.73 -9.00 22.27
C TRP F 35 -8.27 -9.10 20.85
N ILE F 36 -7.44 -9.52 19.90
CA ILE F 36 -7.90 -9.70 18.53
C ILE F 36 -8.87 -10.86 18.44
N ARG F 37 -8.62 -11.92 19.20
CA ARG F 37 -9.54 -13.06 19.22
C ARG F 37 -10.91 -12.64 19.74
N ALA F 38 -10.95 -11.83 20.80
CA ALA F 38 -12.21 -11.35 21.32
C ALA F 38 -12.87 -10.35 20.37
N LEU F 39 -12.07 -9.55 19.67
CA LEU F 39 -12.62 -8.58 18.72
C LEU F 39 -13.33 -9.28 17.56
N ARG F 40 -12.72 -10.35 17.03
CA ARG F 40 -13.36 -11.08 15.94
C ARG F 40 -14.54 -11.90 16.43
N SER F 41 -14.48 -12.41 17.66
CA SER F 41 -15.62 -13.11 18.23
C SER F 41 -16.81 -12.18 18.40
N LEU F 42 -16.55 -10.95 18.86
CA LEU F 42 -17.63 -9.96 19.00
C LEU F 42 -18.17 -9.56 17.63
N ALA F 43 -17.30 -9.44 16.62
CA ALA F 43 -17.76 -9.10 15.29
C ALA F 43 -18.66 -10.17 14.70
N THR F 44 -18.31 -11.44 14.94
CA THR F 44 -19.08 -12.54 14.36
C THR F 44 -20.46 -12.65 15.00
N THR F 45 -20.55 -12.53 16.34
CA THR F 45 -21.84 -12.67 17.00
C THR F 45 -22.76 -11.51 16.68
N VAL F 46 -22.21 -10.31 16.48
CA VAL F 46 -23.05 -9.16 16.11
C VAL F 46 -23.58 -9.31 14.70
N GLN F 47 -22.74 -9.78 13.77
CA GLN F 47 -23.19 -10.01 12.41
C GLN F 47 -24.28 -11.07 12.36
N ASN F 48 -24.17 -12.10 13.21
CA ASN F 48 -25.23 -13.09 13.30
C ASN F 48 -26.52 -12.48 13.80
N GLU F 49 -26.43 -11.59 14.80
CA GLU F 49 -27.62 -10.91 15.30
C GLU F 49 -28.22 -10.00 14.24
N LEU F 50 -27.38 -9.29 13.49
CA LEU F 50 -27.89 -8.42 12.43
C LEU F 50 -28.57 -9.22 11.33
N THR F 51 -28.00 -10.37 10.97
CA THR F 51 -28.63 -11.22 9.96
C THR F 51 -29.98 -11.72 10.43
N GLN F 52 -30.09 -12.12 11.69
CA GLN F 52 -31.37 -12.59 12.22
C GLN F 52 -32.40 -11.48 12.27
N GLU F 53 -31.97 -10.25 12.56
CA GLU F 53 -32.90 -9.13 12.58
C GLU F 53 -33.35 -8.76 11.17
N LEU F 54 -32.46 -8.89 10.19
CA LEU F 54 -32.83 -8.60 8.80
C LEU F 54 -33.90 -9.56 8.31
N LYS F 55 -33.80 -10.83 8.69
CA LYS F 55 -34.85 -11.79 8.33
C LYS F 55 -36.18 -11.42 8.95
N LEU F 56 -36.16 -10.96 10.21
CA LEU F 56 -37.40 -10.52 10.86
C LEU F 56 -37.98 -9.31 10.17
N GLN F 57 -37.13 -8.37 9.73
CA GLN F 57 -37.61 -7.21 9.01
C GLN F 57 -38.26 -7.61 7.69
N GLU F 58 -37.67 -8.58 6.99
CA GLU F 58 -38.27 -9.04 5.74
C GLU F 58 -39.63 -9.67 5.98
N PHE F 59 -39.79 -10.43 7.07
CA PHE F 59 -41.07 -11.02 7.39
C PHE F 59 -42.12 -9.94 7.67
N GLN F 60 -41.75 -8.90 8.42
CA GLN F 60 -42.68 -7.82 8.68
C GLN F 60 -42.97 -7.01 7.43
N ASP F 61 -41.94 -6.71 6.63
CA ASP F 61 -42.14 -5.91 5.43
C ASP F 61 -42.98 -6.63 4.39
N SER F 62 -42.75 -7.95 4.24
CA SER F 62 -43.51 -8.71 3.25
C SER F 62 -45.00 -8.73 3.58
N LEU F 63 -45.34 -8.92 4.85
CA LEU F 63 -46.75 -8.94 5.25
C LEU F 63 -47.40 -7.57 5.05
N LYS F 64 -46.69 -6.50 5.39
CA LYS F 64 -47.22 -5.16 5.25
C LYS F 64 -46.92 -4.58 3.87
N MET G 1 -4.08 -7.56 -4.82
CA MET G 1 -4.95 -6.83 -3.91
C MET G 1 -5.50 -5.55 -4.51
N PHE G 2 -6.82 -5.37 -4.38
CA PHE G 2 -7.40 -4.06 -4.59
C PHE G 2 -7.09 -3.17 -3.40
N ASP G 3 -6.58 -1.97 -3.66
CA ASP G 3 -6.15 -1.07 -2.61
C ASP G 3 -7.36 -0.35 -2.04
N ILE G 4 -7.70 -0.63 -0.79
CA ILE G 4 -8.86 -0.07 -0.12
C ILE G 4 -8.38 0.76 1.05
N GLY G 5 -8.79 2.02 1.08
CA GLY G 5 -8.45 2.93 2.16
C GLY G 5 -9.58 3.06 3.16
N PHE G 6 -9.23 3.38 4.40
CA PHE G 6 -10.25 3.56 5.43
C PHE G 6 -11.15 4.75 5.12
N SER G 7 -10.57 5.84 4.62
CA SER G 7 -11.37 6.99 4.22
C SER G 7 -12.29 6.64 3.06
N GLU G 8 -11.78 5.88 2.08
CA GLU G 8 -12.61 5.48 0.96
C GLU G 8 -13.77 4.59 1.40
N LEU G 9 -13.50 3.63 2.29
CA LEU G 9 -14.55 2.74 2.76
C LEU G 9 -15.59 3.49 3.58
N LEU G 10 -15.16 4.41 4.43
CA LEU G 10 -16.09 5.19 5.24
C LEU G 10 -16.97 6.06 4.35
N LEU G 11 -16.41 6.61 3.27
CA LEU G 11 -17.21 7.42 2.36
C LEU G 11 -18.31 6.59 1.70
N VAL G 12 -18.01 5.35 1.33
CA VAL G 12 -19.02 4.49 0.71
C VAL G 12 -20.15 4.20 1.69
N PHE G 13 -19.81 3.89 2.94
CA PHE G 13 -20.84 3.61 3.93
C PHE G 13 -21.61 4.86 4.30
N ILE G 14 -20.92 6.01 4.37
CA ILE G 14 -21.60 7.27 4.67
C ILE G 14 -22.55 7.62 3.53
N ILE G 15 -22.08 7.52 2.28
CA ILE G 15 -22.92 7.83 1.14
C ILE G 15 -24.04 6.80 1.00
N GLY G 16 -23.72 5.52 1.23
CA GLY G 16 -24.75 4.49 1.14
C GLY G 16 -25.85 4.68 2.16
N LEU G 17 -25.48 5.09 3.38
CA LEU G 17 -26.50 5.32 4.41
C LEU G 17 -27.42 6.48 4.04
N VAL G 18 -26.85 7.56 3.50
CA VAL G 18 -27.67 8.74 3.21
C VAL G 18 -28.39 8.63 1.87
N VAL G 19 -27.99 7.71 0.99
CA VAL G 19 -28.62 7.57 -0.31
C VAL G 19 -29.56 6.38 -0.30
N LEU G 20 -29.03 5.20 0.03
CA LEU G 20 -29.86 4.00 0.05
C LEU G 20 -30.83 4.02 1.22
N GLY G 21 -30.37 4.44 2.40
CA GLY G 21 -31.24 4.55 3.54
C GLY G 21 -31.03 3.45 4.56
N PRO G 22 -31.68 3.58 5.72
CA PRO G 22 -31.53 2.56 6.76
C PRO G 22 -32.13 1.21 6.39
N GLN G 23 -33.06 1.17 5.43
CA GLN G 23 -33.74 -0.07 5.09
C GLN G 23 -33.16 -0.76 3.87
N ARG G 24 -32.42 -0.04 3.03
CA ARG G 24 -31.85 -0.60 1.82
C ARG G 24 -30.36 -0.88 1.90
N LEU G 25 -29.62 -0.13 2.71
CA LEU G 25 -28.19 -0.40 2.87
C LEU G 25 -27.91 -1.77 3.46
N PRO G 26 -28.58 -2.23 4.54
CA PRO G 26 -28.31 -3.59 5.02
C PRO G 26 -28.56 -4.68 4.00
N VAL G 27 -29.60 -4.52 3.18
CA VAL G 27 -29.86 -5.49 2.12
C VAL G 27 -28.79 -5.41 1.04
N ALA G 28 -28.31 -4.20 0.74
CA ALA G 28 -27.26 -4.06 -0.25
C ALA G 28 -25.96 -4.71 0.21
N VAL G 29 -25.62 -4.55 1.49
CA VAL G 29 -24.43 -5.20 2.03
C VAL G 29 -24.61 -6.71 2.05
N LYS G 30 -25.82 -7.17 2.39
CA LYS G 30 -26.10 -8.61 2.38
C LYS G 30 -25.97 -9.18 0.97
N THR G 31 -26.47 -8.47 -0.04
CA THR G 31 -26.38 -8.94 -1.41
C THR G 31 -24.93 -9.00 -1.88
N VAL G 32 -24.14 -7.97 -1.56
CA VAL G 32 -22.73 -7.96 -1.95
C VAL G 32 -21.96 -9.07 -1.24
N ALA G 33 -22.31 -9.34 0.02
CA ALA G 33 -21.67 -10.44 0.75
C ALA G 33 -21.96 -11.78 0.09
N GLY G 34 -23.18 -11.97 -0.40
CA GLY G 34 -23.50 -13.18 -1.14
C GLY G 34 -22.72 -13.31 -2.43
N TRP G 35 -22.46 -12.17 -3.09
CA TRP G 35 -21.66 -12.20 -4.31
C TRP G 35 -20.24 -12.66 -4.03
N ILE G 36 -19.64 -12.17 -2.94
CA ILE G 36 -18.30 -12.60 -2.58
C ILE G 36 -18.30 -14.06 -2.13
N ARG G 37 -19.35 -14.46 -1.41
CA ARG G 37 -19.46 -15.86 -0.99
C ARG G 37 -19.56 -16.79 -2.19
N ALA G 38 -20.37 -16.41 -3.19
CA ALA G 38 -20.44 -17.21 -4.40
C ALA G 38 -19.15 -17.15 -5.21
N LEU G 39 -18.47 -16.01 -5.19
CA LEU G 39 -17.21 -15.88 -5.91
C LEU G 39 -16.13 -16.80 -5.32
N ARG G 40 -16.05 -16.86 -3.99
CA ARG G 40 -15.07 -17.74 -3.36
C ARG G 40 -15.48 -19.20 -3.48
N SER G 41 -16.78 -19.49 -3.47
CA SER G 41 -17.24 -20.86 -3.69
C SER G 41 -16.88 -21.33 -5.10
N LEU G 42 -17.06 -20.46 -6.10
CA LEU G 42 -16.71 -20.81 -7.46
C LEU G 42 -15.20 -21.01 -7.61
N ALA G 43 -14.40 -20.18 -6.94
CA ALA G 43 -12.95 -20.36 -6.99
C ALA G 43 -12.53 -21.67 -6.36
N THR G 44 -13.16 -22.05 -5.24
CA THR G 44 -12.77 -23.27 -4.55
C THR G 44 -13.08 -24.52 -5.37
N THR G 45 -14.27 -24.57 -5.98
CA THR G 45 -14.64 -25.77 -6.73
C THR G 45 -13.80 -25.94 -7.99
N VAL G 46 -13.42 -24.84 -8.64
CA VAL G 46 -12.60 -24.96 -9.85
C VAL G 46 -11.19 -25.40 -9.49
N GLN G 47 -10.65 -24.91 -8.38
CA GLN G 47 -9.33 -25.36 -7.91
C GLN G 47 -9.36 -26.86 -7.61
N ASN G 48 -10.46 -27.34 -7.03
CA ASN G 48 -10.61 -28.78 -6.84
C ASN G 48 -10.66 -29.50 -8.18
N GLU G 49 -11.36 -28.93 -9.15
CA GLU G 49 -11.40 -29.52 -10.49
C GLU G 49 -10.03 -29.49 -11.15
N LEU G 50 -9.30 -28.39 -10.99
CA LEU G 50 -7.95 -28.30 -11.56
C LEU G 50 -7.01 -29.30 -10.91
N THR G 51 -7.10 -29.47 -9.60
CA THR G 51 -6.24 -30.42 -8.90
C THR G 51 -6.50 -31.85 -9.38
N GLN G 52 -7.76 -32.21 -9.58
CA GLN G 52 -8.08 -33.55 -10.05
C GLN G 52 -7.58 -33.78 -11.47
N GLU G 53 -7.66 -32.77 -12.34
CA GLU G 53 -7.19 -32.93 -13.70
C GLU G 53 -5.66 -33.03 -13.74
N LEU G 54 -4.97 -32.32 -12.86
CA LEU G 54 -3.52 -32.42 -12.81
C LEU G 54 -3.07 -33.82 -12.40
N LYS G 55 -3.82 -34.44 -11.48
CA LYS G 55 -3.52 -35.82 -11.10
C LYS G 55 -3.70 -36.76 -12.30
N LEU G 56 -4.75 -36.54 -13.09
CA LEU G 56 -4.98 -37.36 -14.27
C LEU G 56 -3.84 -37.18 -15.29
N GLN G 57 -3.36 -35.96 -15.46
CA GLN G 57 -2.27 -35.72 -16.39
C GLN G 57 -0.99 -36.44 -15.97
N GLU G 58 -0.71 -36.47 -14.66
CA GLU G 58 0.46 -37.19 -14.17
C GLU G 58 0.36 -38.68 -14.46
N PHE G 59 -0.83 -39.26 -14.28
CA PHE G 59 -1.02 -40.66 -14.59
C PHE G 59 -0.81 -40.94 -16.08
N GLN G 60 -1.33 -40.07 -16.95
CA GLN G 60 -1.14 -40.26 -18.37
C GLN G 60 0.30 -40.02 -18.78
N ASP G 61 0.94 -38.98 -18.23
CA ASP G 61 2.31 -38.67 -18.62
C ASP G 61 3.29 -39.72 -18.13
N SER G 62 3.07 -40.24 -16.92
CA SER G 62 3.98 -41.26 -16.38
C SER G 62 3.97 -42.52 -17.23
N LEU G 63 2.79 -42.96 -17.65
CA LEU G 63 2.71 -44.16 -18.49
C LEU G 63 3.37 -43.94 -19.84
N LYS G 64 3.16 -42.77 -20.45
CA LYS G 64 3.74 -42.47 -21.75
C LYS G 64 5.12 -41.83 -21.60
N MET H 2 -31.81 -5.52 19.94
CA MET H 2 -30.50 -4.88 20.05
C MET H 2 -30.62 -3.50 20.67
N ASP H 3 -29.72 -3.20 21.62
CA ASP H 3 -29.68 -1.90 22.27
C ASP H 3 -28.60 -1.03 21.64
N ARG H 4 -28.58 0.25 22.03
CA ARG H 4 -27.60 1.18 21.47
C ARG H 4 -26.19 0.79 21.85
N ARG H 5 -25.98 0.34 23.08
CA ARG H 5 -24.64 -0.05 23.53
C ARG H 5 -24.12 -1.24 22.72
N ARG H 6 -24.98 -2.24 22.48
CA ARG H 6 -24.56 -3.39 21.69
C ARG H 6 -24.33 -3.01 20.23
N PHE H 7 -25.12 -2.06 19.72
CA PHE H 7 -24.93 -1.61 18.34
C PHE H 7 -23.60 -0.89 18.18
N ILE H 8 -23.28 0.02 19.09
CA ILE H 8 -22.02 0.74 19.03
C ILE H 8 -20.84 -0.20 19.24
N LYS H 9 -20.97 -1.10 20.22
CA LYS H 9 -19.89 -2.05 20.50
C LYS H 9 -19.64 -2.97 19.31
N GLY H 10 -20.71 -3.47 18.69
CA GLY H 10 -20.54 -4.32 17.52
C GLY H 10 -20.00 -3.59 16.31
N SER H 11 -20.46 -2.34 16.11
CA SER H 11 -19.99 -1.57 14.95
C SER H 11 -18.49 -1.31 15.03
N MET H 12 -18.00 -0.95 16.22
CA MET H 12 -16.56 -0.73 16.39
C MET H 12 -15.78 -2.02 16.18
N ALA H 13 -16.32 -3.15 16.66
CA ALA H 13 -15.63 -4.43 16.49
C ALA H 13 -15.52 -4.79 15.01
N MET H 14 -16.59 -4.59 14.24
CA MET H 14 -16.53 -4.86 12.81
C MET H 14 -15.55 -3.91 12.11
N ALA H 15 -15.55 -2.63 12.50
CA ALA H 15 -14.61 -1.70 11.92
C ALA H 15 -13.17 -2.07 12.28
N ALA H 16 -12.94 -2.51 13.51
CA ALA H 16 -11.60 -2.93 13.93
C ALA H 16 -11.15 -4.15 13.15
N VAL H 17 -12.06 -5.10 12.90
CA VAL H 17 -11.69 -6.29 12.13
C VAL H 17 -11.31 -5.90 10.71
N CYS H 18 -12.05 -4.99 10.10
CA CYS H 18 -11.73 -4.53 8.75
C CYS H 18 -10.37 -3.84 8.70
N GLY H 19 -10.02 -3.09 9.75
CA GLY H 19 -8.73 -2.45 9.79
C GLY H 19 -7.57 -3.40 10.03
N THR H 20 -7.85 -4.62 10.52
CA THR H 20 -6.82 -5.60 10.78
C THR H 20 -6.84 -6.78 9.81
N SER H 21 -7.97 -7.02 9.12
CA SER H 21 -8.07 -8.15 8.22
C SER H 21 -8.76 -7.82 6.89
N GLY H 22 -9.09 -6.56 6.63
CA GLY H 22 -9.72 -6.18 5.39
C GLY H 22 -11.24 -6.34 5.42
N ILE H 23 -11.87 -5.86 4.36
CA ILE H 23 -13.32 -5.93 4.25
C ILE H 23 -13.80 -7.30 3.82
N ALA H 24 -12.95 -8.10 3.17
CA ALA H 24 -13.34 -9.44 2.77
C ALA H 24 -13.52 -10.36 3.97
N SER H 25 -12.75 -10.14 5.04
CA SER H 25 -12.90 -10.96 6.24
C SER H 25 -14.26 -10.77 6.88
N LEU H 26 -14.77 -9.53 6.90
CA LEU H 26 -16.09 -9.28 7.48
C LEU H 26 -17.18 -10.02 6.72
N PHE H 27 -17.09 -10.04 5.38
CA PHE H 27 -18.10 -10.71 4.57
C PHE H 27 -17.93 -12.22 4.54
N SER H 28 -16.86 -12.75 5.11
CA SER H 28 -16.64 -14.19 5.14
C SER H 28 -17.63 -14.87 6.09
N MET I 2 -13.62 -30.43 -18.76
CA MET I 2 -13.88 -29.02 -18.53
C MET I 2 -13.97 -28.25 -19.84
N ASP I 3 -14.98 -27.38 -19.95
CA ASP I 3 -15.21 -26.61 -21.15
C ASP I 3 -14.57 -25.23 -21.04
N ARG I 4 -14.55 -24.50 -22.16
CA ARG I 4 -13.94 -23.19 -22.17
C ARG I 4 -14.71 -22.20 -21.29
N ARG I 5 -16.03 -22.31 -21.24
CA ARG I 5 -16.82 -21.42 -20.40
C ARG I 5 -16.47 -21.60 -18.92
N ARG I 6 -16.32 -22.84 -18.48
CA ARG I 6 -15.95 -23.09 -17.09
C ARG I 6 -14.53 -22.62 -16.81
N PHE I 7 -13.62 -22.76 -17.78
CA PHE I 7 -12.26 -22.26 -17.60
C PHE I 7 -12.24 -20.75 -17.42
N ILE I 8 -12.99 -20.03 -18.25
CA ILE I 8 -13.03 -18.58 -18.14
C ILE I 8 -13.75 -18.15 -16.86
N LYS I 9 -14.87 -18.80 -16.56
CA LYS I 9 -15.62 -18.45 -15.35
C LYS I 9 -14.80 -18.71 -14.10
N GLY I 10 -14.10 -19.84 -14.05
CA GLY I 10 -13.26 -20.14 -12.90
C GLY I 10 -12.06 -19.22 -12.78
N SER I 11 -11.42 -18.90 -13.91
CA SER I 11 -10.24 -18.05 -13.88
C SER I 11 -10.56 -16.65 -13.39
N MET I 12 -11.69 -16.09 -13.83
CA MET I 12 -12.10 -14.78 -13.34
C MET I 12 -12.43 -14.82 -11.86
N ALA I 13 -12.99 -15.94 -11.37
CA ALA I 13 -13.26 -16.07 -9.95
C ALA I 13 -11.97 -16.04 -9.14
N MET I 14 -10.93 -16.73 -9.61
CA MET I 14 -9.65 -16.71 -8.91
C MET I 14 -9.03 -15.32 -8.91
N ALA I 15 -9.09 -14.62 -10.05
CA ALA I 15 -8.55 -13.27 -10.12
C ALA I 15 -9.33 -12.33 -9.21
N ALA I 16 -10.65 -12.47 -9.17
CA ALA I 16 -11.46 -11.64 -8.28
C ALA I 16 -11.16 -11.94 -6.82
N VAL I 17 -10.98 -13.22 -6.48
CA VAL I 17 -10.64 -13.58 -5.11
C VAL I 17 -9.29 -13.02 -4.73
N CYS I 18 -8.30 -13.14 -5.63
CA CYS I 18 -6.98 -12.59 -5.35
C CYS I 18 -7.02 -11.08 -5.21
N GLY I 19 -7.90 -10.41 -5.94
CA GLY I 19 -8.04 -8.97 -5.80
C GLY I 19 -8.72 -8.54 -4.52
N THR I 20 -9.46 -9.45 -3.86
CA THR I 20 -10.14 -9.14 -2.63
C THR I 20 -9.55 -9.83 -1.41
N SER I 21 -8.80 -10.92 -1.59
CA SER I 21 -8.23 -11.65 -0.46
C SER I 21 -6.78 -12.06 -0.67
N GLY I 22 -6.17 -11.76 -1.81
CA GLY I 22 -4.77 -12.02 -2.03
C GLY I 22 -4.49 -13.40 -2.60
N ILE I 23 -3.24 -13.57 -3.05
CA ILE I 23 -2.80 -14.85 -3.60
C ILE I 23 -2.64 -15.91 -2.52
N ALA I 24 -2.44 -15.52 -1.26
CA ALA I 24 -2.34 -16.49 -0.18
C ALA I 24 -3.68 -17.18 0.05
N SER I 25 -4.80 -16.46 -0.10
CA SER I 25 -6.11 -17.07 0.04
C SER I 25 -6.36 -18.11 -1.04
N LEU I 26 -5.91 -17.84 -2.27
CA LEU I 26 -6.09 -18.81 -3.35
C LEU I 26 -5.32 -20.10 -3.06
N PHE I 27 -4.11 -19.97 -2.53
CA PHE I 27 -3.28 -21.14 -2.22
C PHE I 27 -3.69 -21.83 -0.92
N SER I 28 -4.61 -21.25 -0.15
CA SER I 28 -5.07 -21.86 1.09
C SER I 28 -5.91 -23.09 0.81
#